data_7UV2
#
_entry.id   7UV2
#
_entity_poly.entity_id   1
_entity_poly.type   'polypeptide(L)'
_entity_poly.pdbx_seq_one_letter_code
;GVDEPSTHEPAEKHLSQCMRQCERQEGGQQKQLCRFRCQERYKKERGQHNYKREDD
;
_entity_poly.pdbx_strand_id   A
#
# COMPACT_ATOMS: atom_id res chain seq x y z
N GLY A 1 -19.39 -17.49 -10.20
CA GLY A 1 -18.23 -18.42 -10.35
C GLY A 1 -17.18 -17.78 -11.24
N VAL A 2 -16.88 -18.45 -12.36
CA VAL A 2 -15.87 -17.95 -13.33
C VAL A 2 -14.57 -17.52 -12.62
N ASP A 3 -14.33 -18.09 -11.43
CA ASP A 3 -13.14 -17.76 -10.66
C ASP A 3 -11.87 -18.22 -11.37
N GLU A 4 -10.88 -17.34 -11.39
CA GLU A 4 -9.61 -17.62 -12.04
C GLU A 4 -8.44 -16.90 -11.31
N PRO A 5 -7.28 -17.55 -11.09
CA PRO A 5 -6.11 -16.91 -10.40
C PRO A 5 -5.48 -15.83 -11.26
N SER A 6 -4.77 -14.91 -10.62
CA SER A 6 -4.14 -13.80 -11.32
C SER A 6 -2.95 -13.25 -10.55
N THR A 7 -2.15 -12.44 -11.25
CA THR A 7 -0.99 -11.80 -10.66
C THR A 7 -1.01 -10.31 -10.94
N HIS A 8 -0.20 -9.53 -10.19
CA HIS A 8 -0.17 -8.07 -10.35
C HIS A 8 -1.54 -7.48 -9.97
N GLU A 9 -1.91 -7.67 -8.70
CA GLU A 9 -3.21 -7.22 -8.19
C GLU A 9 -3.30 -5.67 -8.14
N PRO A 10 -4.52 -5.08 -8.27
CA PRO A 10 -4.71 -3.58 -8.23
C PRO A 10 -4.22 -2.95 -6.91
N ALA A 11 -4.03 -3.78 -5.89
CA ALA A 11 -3.65 -3.27 -4.56
C ALA A 11 -2.34 -2.47 -4.59
N GLU A 12 -1.34 -2.96 -5.35
CA GLU A 12 -0.06 -2.24 -5.45
C GLU A 12 -0.21 -0.88 -6.16
N LYS A 13 -1.24 -0.75 -7.00
CA LYS A 13 -1.52 0.49 -7.73
C LYS A 13 -2.06 1.56 -6.78
N HIS A 14 -2.96 1.15 -5.88
CA HIS A 14 -3.51 2.09 -4.89
C HIS A 14 -2.37 2.63 -4.03
N LEU A 15 -1.45 1.72 -3.69
CA LEU A 15 -0.24 2.10 -2.96
C LEU A 15 0.61 3.00 -3.84
N SER A 16 0.66 2.66 -5.14
CA SER A 16 1.47 3.40 -6.10
C SER A 16 1.04 4.86 -6.14
N GLN A 17 -0.28 5.10 -6.06
CA GLN A 17 -0.81 6.47 -6.08
C GLN A 17 -0.26 7.24 -4.89
N CYS A 18 -0.26 6.56 -3.73
CA CYS A 18 0.24 7.19 -2.49
C CYS A 18 1.72 7.45 -2.60
N MET A 19 2.48 6.37 -2.75
CA MET A 19 3.91 6.44 -2.84
C MET A 19 4.34 7.39 -3.96
N ARG A 20 3.51 7.56 -5.00
CA ARG A 20 3.81 8.52 -6.05
C ARG A 20 3.89 9.91 -5.42
N GLN A 21 2.88 10.24 -4.59
CA GLN A 21 2.86 11.52 -3.86
C GLN A 21 3.92 11.57 -2.76
N CYS A 22 4.09 10.44 -2.05
CA CYS A 22 5.05 10.33 -0.95
C CYS A 22 6.46 10.61 -1.44
N GLU A 23 6.81 9.90 -2.49
CA GLU A 23 8.12 9.98 -3.10
C GLU A 23 8.34 11.35 -3.74
N ARG A 24 7.27 11.89 -4.35
CA ARG A 24 7.34 13.18 -5.02
C ARG A 24 7.72 14.28 -4.01
N GLN A 25 7.18 14.18 -2.79
CA GLN A 25 7.49 15.11 -1.73
C GLN A 25 8.87 14.83 -1.19
N GLU A 26 9.60 15.89 -0.84
CA GLU A 26 10.97 15.72 -0.33
C GLU A 26 11.16 16.49 0.97
N GLY A 27 11.86 15.87 1.91
CA GLY A 27 12.11 16.47 3.22
C GLY A 27 12.38 15.40 4.27
N GLY A 28 12.35 15.79 5.54
CA GLY A 28 12.58 14.86 6.64
C GLY A 28 11.26 14.31 7.18
N GLN A 29 10.51 15.17 7.87
CA GLN A 29 9.23 14.77 8.48
C GLN A 29 8.21 14.37 7.43
N GLN A 30 8.16 15.14 6.33
CA GLN A 30 7.19 14.89 5.25
C GLN A 30 7.40 13.53 4.62
N LYS A 31 8.65 13.18 4.39
CA LYS A 31 8.99 11.91 3.77
C LYS A 31 8.51 10.73 4.64
N GLN A 32 8.83 10.80 5.93
CA GLN A 32 8.51 9.74 6.87
C GLN A 32 6.98 9.56 7.01
N LEU A 33 6.25 10.68 7.06
CA LEU A 33 4.80 10.64 7.25
C LEU A 33 4.09 9.92 6.11
N CYS A 34 4.52 10.21 4.87
CA CYS A 34 3.95 9.57 3.68
C CYS A 34 4.45 8.14 3.52
N ARG A 35 5.66 7.86 4.04
CA ARG A 35 6.24 6.52 3.94
C ARG A 35 5.39 5.49 4.68
N PHE A 36 5.04 5.78 5.94
CA PHE A 36 4.21 4.86 6.72
C PHE A 36 2.78 4.93 6.29
N ARG A 37 2.19 6.12 6.32
CA ARG A 37 0.76 6.29 6.02
C ARG A 37 0.36 5.55 4.76
N CYS A 38 1.14 5.74 3.70
CA CYS A 38 0.88 5.06 2.43
C CYS A 38 1.04 3.55 2.59
N GLN A 39 2.11 3.13 3.29
CA GLN A 39 2.37 1.70 3.49
C GLN A 39 1.30 0.98 4.34
N GLU A 40 0.87 1.62 5.43
CA GLU A 40 -0.10 1.01 6.35
C GLU A 40 -1.53 1.19 5.87
N ARG A 41 -1.88 2.40 5.41
CA ARG A 41 -3.22 2.68 4.96
C ARG A 41 -3.60 1.81 3.80
N TYR A 42 -2.73 1.79 2.80
CA TYR A 42 -3.00 1.02 1.58
C TYR A 42 -2.87 -0.50 1.80
N LYS A 43 -1.90 -0.91 2.63
CA LYS A 43 -1.74 -2.34 2.91
C LYS A 43 -3.03 -2.90 3.54
N LYS A 44 -3.59 -2.15 4.46
CA LYS A 44 -4.84 -2.52 5.15
C LYS A 44 -5.98 -2.63 4.14
N GLU A 45 -6.03 -1.66 3.23
CA GLU A 45 -7.09 -1.62 2.19
C GLU A 45 -7.05 -2.88 1.31
N ARG A 46 -5.89 -3.55 1.26
CA ARG A 46 -5.75 -4.80 0.48
C ARG A 46 -6.72 -5.84 0.99
N GLY A 47 -6.93 -5.80 2.30
CA GLY A 47 -7.70 -6.80 3.00
C GLY A 47 -6.79 -7.91 3.56
N GLN A 48 -5.46 -7.82 3.26
CA GLN A 48 -4.50 -8.79 3.75
C GLN A 48 -4.35 -8.64 5.25
N HIS A 49 -4.17 -9.76 5.95
CA HIS A 49 -3.96 -9.74 7.40
C HIS A 49 -2.62 -10.36 7.80
N ASN A 50 -2.03 -11.18 6.91
CA ASN A 50 -0.76 -11.84 7.19
C ASN A 50 0.39 -11.11 6.51
N TYR A 51 1.28 -10.53 7.33
CA TYR A 51 2.44 -9.80 6.82
C TYR A 51 3.61 -10.74 6.58
N LYS A 52 4.27 -10.60 5.42
CA LYS A 52 5.42 -11.41 5.08
C LYS A 52 6.60 -10.50 4.78
N ARG A 53 7.78 -10.88 5.24
CA ARG A 53 8.97 -10.05 5.05
C ARG A 53 9.81 -10.57 3.88
N GLU A 54 10.08 -9.68 2.92
CA GLU A 54 10.90 -10.02 1.75
C GLU A 54 12.34 -10.30 2.19
N ASP A 55 12.94 -11.32 1.58
CA ASP A 55 14.32 -11.70 1.89
C ASP A 55 15.30 -10.80 1.14
N ASP A 56 16.60 -11.05 1.33
CA ASP A 56 17.64 -10.26 0.65
C ASP A 56 17.52 -8.77 1.03
N GLY A 1 -7.85 -24.04 0.92
CA GLY A 1 -6.84 -23.18 0.23
C GLY A 1 -7.43 -22.61 -1.05
N VAL A 2 -8.71 -22.20 -0.97
CA VAL A 2 -9.39 -21.58 -2.11
C VAL A 2 -8.65 -20.30 -2.48
N ASP A 3 -8.26 -19.53 -1.46
CA ASP A 3 -7.53 -18.31 -1.65
C ASP A 3 -6.21 -18.60 -2.36
N GLU A 4 -5.80 -17.68 -3.23
CA GLU A 4 -4.58 -17.84 -4.00
C GLU A 4 -3.89 -16.46 -4.23
N PRO A 5 -2.56 -16.45 -4.47
CA PRO A 5 -1.80 -15.17 -4.73
C PRO A 5 -2.18 -14.55 -6.05
N SER A 6 -1.96 -13.25 -6.17
CA SER A 6 -2.29 -12.51 -7.37
C SER A 6 -1.33 -11.34 -7.56
N THR A 7 -1.28 -10.83 -8.80
CA THR A 7 -0.41 -9.70 -9.12
C THR A 7 -1.18 -8.63 -9.90
N HIS A 8 -0.61 -7.41 -9.93
CA HIS A 8 -1.25 -6.28 -10.62
C HIS A 8 -2.65 -6.00 -10.03
N GLU A 9 -2.78 -6.24 -8.71
CA GLU A 9 -4.04 -6.01 -8.00
C GLU A 9 -4.38 -4.50 -7.97
N PRO A 10 -5.67 -4.10 -8.13
CA PRO A 10 -6.06 -2.64 -8.11
C PRO A 10 -5.55 -1.94 -6.85
N ALA A 11 -5.53 -2.67 -5.74
CA ALA A 11 -5.05 -2.14 -4.45
C ALA A 11 -3.60 -1.67 -4.56
N GLU A 12 -2.79 -2.43 -5.31
CA GLU A 12 -1.38 -2.10 -5.51
C GLU A 12 -1.23 -0.73 -6.16
N LYS A 13 -2.12 -0.46 -7.12
CA LYS A 13 -2.09 0.79 -7.89
C LYS A 13 -2.40 1.98 -6.97
N HIS A 14 -3.35 1.78 -6.05
CA HIS A 14 -3.72 2.84 -5.10
C HIS A 14 -2.50 3.21 -4.26
N LEU A 15 -1.73 2.19 -3.87
CA LEU A 15 -0.49 2.40 -3.13
C LEU A 15 0.52 3.09 -4.04
N SER A 16 0.51 2.69 -5.32
CA SER A 16 1.48 3.23 -6.29
C SER A 16 1.37 4.74 -6.38
N GLN A 17 0.12 5.26 -6.44
CA GLN A 17 -0.07 6.72 -6.49
C GLN A 17 0.33 7.39 -5.16
N CYS A 18 0.18 6.66 -4.03
CA CYS A 18 0.56 7.21 -2.71
C CYS A 18 2.08 7.33 -2.62
N MET A 19 2.74 6.18 -2.76
CA MET A 19 4.17 6.10 -2.67
C MET A 19 4.85 6.91 -3.76
N ARG A 20 4.24 6.98 -4.96
CA ARG A 20 4.83 7.78 -6.04
C ARG A 20 4.95 9.24 -5.58
N GLN A 21 3.84 9.77 -5.06
CA GLN A 21 3.80 11.13 -4.53
C GLN A 21 4.67 11.26 -3.27
N CYS A 22 4.62 10.23 -2.42
CA CYS A 22 5.36 10.20 -1.15
C CYS A 22 6.87 10.30 -1.41
N GLU A 23 7.33 9.42 -2.25
CA GLU A 23 8.74 9.29 -2.58
C GLU A 23 9.22 10.50 -3.38
N ARG A 24 8.35 10.97 -4.28
CA ARG A 24 8.66 12.10 -5.12
C ARG A 24 8.86 13.38 -4.28
N GLN A 25 8.04 13.55 -3.23
CA GLN A 25 8.13 14.73 -2.39
C GLN A 25 9.21 14.54 -1.31
N GLU A 26 9.87 15.64 -0.95
CA GLU A 26 10.94 15.59 0.06
C GLU A 26 10.80 16.74 1.05
N GLY A 27 11.21 16.49 2.30
CA GLY A 27 11.12 17.50 3.35
C GLY A 27 11.34 16.87 4.72
N GLY A 28 10.79 17.51 5.76
CA GLY A 28 10.93 17.04 7.13
C GLY A 28 9.95 15.91 7.44
N GLN A 29 9.05 16.17 8.38
CA GLN A 29 8.05 15.17 8.81
C GLN A 29 7.09 14.76 7.68
N GLN A 30 6.97 15.61 6.65
CA GLN A 30 6.07 15.33 5.53
C GLN A 30 6.48 14.06 4.80
N LYS A 31 7.79 13.90 4.61
CA LYS A 31 8.32 12.72 3.96
C LYS A 31 7.97 11.45 4.76
N GLN A 32 8.17 11.53 6.07
CA GLN A 32 7.91 10.40 6.97
C GLN A 32 6.42 10.03 6.99
N LEU A 33 5.55 11.04 6.99
CA LEU A 33 4.10 10.80 7.07
C LEU A 33 3.59 10.00 5.89
N CYS A 34 4.04 10.35 4.69
CA CYS A 34 3.59 9.64 3.48
C CYS A 34 4.17 8.22 3.42
N ARG A 35 5.40 8.06 3.95
CA ARG A 35 6.08 6.76 3.88
C ARG A 35 5.29 5.69 4.64
N PHE A 36 4.91 5.99 5.89
CA PHE A 36 4.14 5.01 6.68
C PHE A 36 2.69 5.04 6.31
N ARG A 37 2.09 6.24 6.31
CA ARG A 37 0.64 6.37 6.05
C ARG A 37 0.24 5.60 4.80
N CYS A 38 0.99 5.80 3.72
CA CYS A 38 0.73 5.08 2.46
C CYS A 38 1.01 3.59 2.64
N GLN A 39 2.10 3.26 3.36
CA GLN A 39 2.51 1.86 3.55
C GLN A 39 1.45 1.05 4.34
N GLU A 40 0.95 1.62 5.44
CA GLU A 40 0.00 0.90 6.31
C GLU A 40 -1.45 1.02 5.83
N ARG A 41 -1.85 2.21 5.37
CA ARG A 41 -3.23 2.42 4.93
C ARG A 41 -3.54 1.56 3.74
N TYR A 42 -2.64 1.56 2.78
CA TYR A 42 -2.83 0.77 1.56
C TYR A 42 -2.65 -0.74 1.80
N LYS A 43 -1.65 -1.09 2.63
CA LYS A 43 -1.41 -2.50 2.96
C LYS A 43 -2.65 -3.11 3.64
N LYS A 44 -3.20 -2.35 4.56
CA LYS A 44 -4.40 -2.74 5.33
C LYS A 44 -5.58 -2.96 4.40
N GLU A 45 -5.71 -2.07 3.43
CA GLU A 45 -6.82 -2.11 2.46
C GLU A 45 -6.83 -3.46 1.73
N ARG A 46 -5.65 -3.98 1.44
CA ARG A 46 -5.51 -5.27 0.71
C ARG A 46 -6.18 -6.39 1.47
N GLY A 47 -6.10 -6.31 2.78
CA GLY A 47 -6.60 -7.36 3.65
C GLY A 47 -5.65 -8.55 3.70
N GLN A 48 -4.37 -8.33 3.27
CA GLN A 48 -3.37 -9.40 3.28
C GLN A 48 -3.18 -9.90 4.70
N HIS A 49 -2.56 -11.07 4.83
CA HIS A 49 -2.30 -11.66 6.13
C HIS A 49 -1.01 -12.50 6.12
N ASN A 50 -0.48 -12.77 7.31
CA ASN A 50 0.75 -13.57 7.47
C ASN A 50 0.45 -14.96 8.06
N TYR A 51 -0.74 -15.51 7.73
CA TYR A 51 -1.19 -16.83 8.23
C TYR A 51 -1.69 -16.72 9.67
N LYS A 52 -2.98 -16.41 9.80
CA LYS A 52 -3.61 -16.27 11.10
C LYS A 52 -4.95 -17.00 11.10
N ARG A 53 -5.32 -17.56 12.25
CA ARG A 53 -6.58 -18.28 12.38
C ARG A 53 -7.58 -17.47 13.22
N GLU A 54 -8.88 -17.76 13.03
CA GLU A 54 -9.93 -17.07 13.76
C GLU A 54 -9.76 -17.30 15.27
N ASP A 55 -9.42 -18.53 15.64
CA ASP A 55 -9.22 -18.90 17.05
C ASP A 55 -8.16 -20.00 17.16
N ASP A 56 -7.83 -20.37 18.40
CA ASP A 56 -6.83 -21.41 18.66
C ASP A 56 -6.78 -21.75 20.16
N GLY A 1 -18.90 -14.73 -20.96
CA GLY A 1 -17.54 -14.27 -20.56
C GLY A 1 -17.64 -13.17 -19.52
N VAL A 2 -18.53 -13.38 -18.54
CA VAL A 2 -18.70 -12.44 -17.44
C VAL A 2 -17.38 -12.33 -16.67
N ASP A 3 -16.74 -13.48 -16.46
CA ASP A 3 -15.47 -13.54 -15.77
C ASP A 3 -14.41 -12.78 -16.55
N GLU A 4 -13.45 -12.19 -15.82
CA GLU A 4 -12.37 -11.43 -16.45
C GLU A 4 -10.99 -11.88 -15.91
N PRO A 5 -9.91 -11.83 -16.73
CA PRO A 5 -8.53 -12.21 -16.28
C PRO A 5 -7.94 -11.17 -15.34
N SER A 6 -6.92 -11.58 -14.57
CA SER A 6 -6.27 -10.69 -13.64
C SER A 6 -4.81 -11.06 -13.44
N THR A 7 -4.01 -10.10 -12.97
CA THR A 7 -2.60 -10.31 -12.73
C THR A 7 -2.13 -9.51 -11.52
N HIS A 8 -2.49 -8.22 -11.48
CA HIS A 8 -2.11 -7.32 -10.38
C HIS A 8 -3.34 -6.68 -9.75
N GLU A 9 -3.35 -6.64 -8.42
CA GLU A 9 -4.48 -6.06 -7.68
C GLU A 9 -4.53 -4.52 -7.83
N PRO A 10 -5.75 -3.90 -7.87
CA PRO A 10 -5.88 -2.40 -7.99
C PRO A 10 -5.18 -1.68 -6.84
N ALA A 11 -5.14 -2.33 -5.66
CA ALA A 11 -4.54 -1.73 -4.47
C ALA A 11 -3.07 -1.41 -4.69
N GLU A 12 -2.35 -2.30 -5.39
CA GLU A 12 -0.93 -2.09 -5.66
C GLU A 12 -0.72 -0.83 -6.49
N LYS A 13 -1.58 -0.64 -7.50
CA LYS A 13 -1.53 0.56 -8.34
C LYS A 13 -1.88 1.80 -7.52
N HIS A 14 -2.87 1.65 -6.63
CA HIS A 14 -3.30 2.76 -5.79
C HIS A 14 -2.13 3.21 -4.93
N LEU A 15 -1.36 2.23 -4.43
CA LEU A 15 -0.16 2.53 -3.66
C LEU A 15 0.87 3.26 -4.52
N SER A 16 0.93 2.92 -5.83
CA SER A 16 1.92 3.58 -6.70
C SER A 16 1.67 5.08 -6.72
N GLN A 17 0.39 5.46 -6.62
CA GLN A 17 -0.01 6.88 -6.59
C GLN A 17 0.47 7.52 -5.29
N CYS A 18 0.33 6.76 -4.20
CA CYS A 18 0.72 7.24 -2.87
C CYS A 18 2.23 7.35 -2.74
N MET A 19 2.90 6.24 -2.97
CA MET A 19 4.33 6.13 -2.81
C MET A 19 5.07 7.09 -3.73
N ARG A 20 4.58 7.22 -4.99
CA ARG A 20 5.24 8.11 -5.94
C ARG A 20 5.18 9.56 -5.46
N GLN A 21 3.97 10.02 -5.09
CA GLN A 21 3.79 11.38 -4.55
C GLN A 21 4.50 11.52 -3.20
N CYS A 22 4.43 10.46 -2.40
CA CYS A 22 5.02 10.41 -1.07
C CYS A 22 6.53 10.65 -1.13
N GLU A 23 7.17 9.82 -1.92
CA GLU A 23 8.63 9.79 -2.02
C GLU A 23 9.16 10.87 -2.95
N ARG A 24 8.51 11.03 -4.10
CA ARG A 24 8.99 12.01 -5.12
C ARG A 24 8.83 13.46 -4.64
N GLN A 25 7.71 13.75 -3.97
CA GLN A 25 7.41 15.10 -3.51
C GLN A 25 7.68 15.24 -2.02
N GLU A 26 7.96 16.48 -1.60
CA GLU A 26 8.18 16.79 -0.18
C GLU A 26 9.40 16.06 0.38
N GLY A 27 9.65 16.23 1.68
CA GLY A 27 10.80 15.59 2.34
C GLY A 27 10.71 15.75 3.86
N GLY A 28 11.73 15.25 4.55
CA GLY A 28 11.81 15.34 6.02
C GLY A 28 10.64 14.63 6.70
N GLN A 29 10.00 15.34 7.63
CA GLN A 29 8.88 14.78 8.42
C GLN A 29 7.71 14.38 7.54
N GLN A 30 7.42 15.21 6.55
CA GLN A 30 6.29 14.98 5.64
C GLN A 30 6.45 13.65 4.92
N LYS A 31 7.68 13.35 4.53
CA LYS A 31 7.98 12.11 3.83
C LYS A 31 7.65 10.89 4.71
N GLN A 32 7.96 11.00 6.01
CA GLN A 32 7.70 9.92 6.95
C GLN A 32 6.19 9.65 7.05
N LEU A 33 5.38 10.72 7.04
CA LEU A 33 3.93 10.59 7.17
C LEU A 33 3.35 9.78 6.02
N CYS A 34 3.71 10.15 4.79
CA CYS A 34 3.24 9.44 3.60
C CYS A 34 3.88 8.05 3.48
N ARG A 35 5.09 7.89 4.03
CA ARG A 35 5.79 6.60 3.98
C ARG A 35 4.98 5.52 4.69
N PHE A 36 4.55 5.80 5.94
CA PHE A 36 3.76 4.83 6.71
C PHE A 36 2.28 4.93 6.39
N ARG A 37 1.79 6.14 6.15
CA ARG A 37 0.37 6.33 5.87
C ARG A 37 -0.01 5.51 4.62
N CYS A 38 0.82 5.60 3.60
CA CYS A 38 0.58 4.88 2.34
C CYS A 38 0.80 3.36 2.48
N GLN A 39 1.97 2.93 2.98
CA GLN A 39 2.27 1.48 3.05
C GLN A 39 1.43 0.74 4.09
N GLU A 40 1.15 1.42 5.21
CA GLU A 40 0.43 0.78 6.33
C GLU A 40 -1.06 0.75 6.06
N ARG A 41 -1.59 1.91 5.71
CA ARG A 41 -3.03 2.03 5.49
C ARG A 41 -3.44 1.26 4.27
N TYR A 42 -2.64 1.35 3.20
CA TYR A 42 -3.02 0.66 1.95
C TYR A 42 -2.80 -0.86 2.01
N LYS A 43 -1.69 -1.29 2.65
CA LYS A 43 -1.43 -2.73 2.79
C LYS A 43 -2.57 -3.37 3.57
N LYS A 44 -2.98 -2.69 4.63
CA LYS A 44 -4.11 -3.10 5.48
C LYS A 44 -5.42 -3.06 4.71
N GLU A 45 -5.55 -2.07 3.81
CA GLU A 45 -6.78 -1.89 3.01
C GLU A 45 -7.08 -3.18 2.25
N ARG A 46 -6.03 -3.86 1.78
CA ARG A 46 -6.18 -5.16 1.10
C ARG A 46 -6.82 -6.17 2.03
N GLY A 47 -6.49 -6.03 3.30
CA GLY A 47 -6.88 -6.98 4.31
C GLY A 47 -5.89 -8.16 4.37
N GLN A 48 -4.81 -8.09 3.55
CA GLN A 48 -3.80 -9.12 3.54
C GLN A 48 -2.91 -8.99 4.76
N HIS A 49 -2.48 -10.13 5.30
CA HIS A 49 -1.59 -10.13 6.48
C HIS A 49 -0.56 -11.26 6.41
N ASN A 50 -0.97 -12.39 5.83
CA ASN A 50 -0.10 -13.56 5.69
C ASN A 50 0.44 -13.64 4.27
N TYR A 51 1.63 -14.23 4.12
CA TYR A 51 2.26 -14.38 2.81
C TYR A 51 1.35 -15.23 1.90
N LYS A 52 1.16 -14.78 0.66
CA LYS A 52 0.34 -15.48 -0.31
C LYS A 52 1.16 -15.82 -1.52
N ARG A 53 1.21 -17.10 -1.88
CA ARG A 53 1.98 -17.55 -3.03
C ARG A 53 1.04 -17.84 -4.20
N GLU A 54 1.31 -17.21 -5.35
CA GLU A 54 0.47 -17.36 -6.55
C GLU A 54 -0.95 -16.86 -6.27
N ASP A 55 -1.33 -15.75 -6.91
CA ASP A 55 -2.64 -15.16 -6.73
C ASP A 55 -3.33 -14.96 -8.07
N ASP A 56 -4.27 -15.84 -8.39
CA ASP A 56 -5.02 -15.78 -9.64
C ASP A 56 -6.44 -15.30 -9.42
N GLY A 1 -10.54 -12.51 6.50
CA GLY A 1 -10.95 -12.33 5.08
C GLY A 1 -9.81 -12.71 4.15
N VAL A 2 -9.11 -13.80 4.50
CA VAL A 2 -7.99 -14.31 3.68
C VAL A 2 -8.48 -14.82 2.33
N ASP A 3 -9.75 -15.23 2.28
CA ASP A 3 -10.35 -15.75 1.07
C ASP A 3 -10.43 -14.68 -0.03
N GLU A 4 -10.45 -15.12 -1.29
CA GLU A 4 -10.50 -14.20 -2.44
C GLU A 4 -9.30 -13.22 -2.41
N PRO A 5 -8.04 -13.73 -2.47
CA PRO A 5 -6.82 -12.86 -2.45
C PRO A 5 -6.76 -11.91 -3.61
N SER A 6 -7.18 -12.41 -4.76
CA SER A 6 -7.22 -11.64 -5.97
C SER A 6 -5.85 -11.13 -6.38
N THR A 7 -5.75 -10.71 -7.64
CA THR A 7 -4.52 -10.15 -8.17
C THR A 7 -4.80 -8.87 -8.96
N HIS A 8 -3.77 -8.04 -9.12
CA HIS A 8 -3.90 -6.78 -9.85
C HIS A 8 -5.09 -5.95 -9.31
N GLU A 9 -5.24 -5.96 -7.98
CA GLU A 9 -6.33 -5.24 -7.32
C GLU A 9 -6.12 -3.70 -7.36
N PRO A 10 -7.21 -2.89 -7.29
CA PRO A 10 -7.10 -1.39 -7.29
C PRO A 10 -6.23 -0.86 -6.15
N ALA A 11 -6.21 -1.59 -5.03
CA ALA A 11 -5.47 -1.18 -3.84
C ALA A 11 -3.99 -1.01 -4.12
N GLU A 12 -3.44 -1.91 -4.95
CA GLU A 12 -2.02 -1.86 -5.30
C GLU A 12 -1.68 -0.55 -6.00
N LYS A 13 -2.58 -0.12 -6.90
CA LYS A 13 -2.38 1.11 -7.68
C LYS A 13 -2.48 2.35 -6.80
N HIS A 14 -3.44 2.34 -5.86
CA HIS A 14 -3.63 3.48 -4.94
C HIS A 14 -2.37 3.68 -4.11
N LEU A 15 -1.80 2.57 -3.68
CA LEU A 15 -0.54 2.59 -2.95
C LEU A 15 0.57 3.08 -3.86
N SER A 16 0.55 2.56 -5.08
CA SER A 16 1.59 2.85 -6.05
C SER A 16 1.66 4.34 -6.39
N GLN A 17 0.49 4.97 -6.54
CA GLN A 17 0.43 6.39 -6.85
C GLN A 17 0.83 7.25 -5.65
N CYS A 18 0.47 6.79 -4.42
CA CYS A 18 0.83 7.53 -3.21
C CYS A 18 2.30 7.48 -3.02
N MET A 19 2.83 6.27 -3.05
CA MET A 19 4.23 6.05 -2.83
C MET A 19 5.07 6.79 -3.85
N ARG A 20 4.56 6.88 -5.11
CA ARG A 20 5.29 7.58 -6.15
C ARG A 20 5.51 9.04 -5.73
N GLN A 21 4.44 9.71 -5.28
CA GLN A 21 4.53 11.09 -4.78
C GLN A 21 5.28 11.17 -3.43
N CYS A 22 4.99 10.19 -2.56
CA CYS A 22 5.58 10.13 -1.21
C CYS A 22 7.10 10.03 -1.28
N GLU A 23 7.53 9.05 -2.04
CA GLU A 23 8.95 8.76 -2.23
C GLU A 23 9.64 9.89 -2.96
N ARG A 24 8.94 10.47 -3.95
CA ARG A 24 9.51 11.56 -4.74
C ARG A 24 9.89 12.73 -3.85
N GLN A 25 9.05 13.02 -2.84
CA GLN A 25 9.33 14.08 -1.90
C GLN A 25 10.34 13.61 -0.88
N GLU A 26 11.23 14.53 -0.47
CA GLU A 26 12.29 14.18 0.50
C GLU A 26 12.39 15.21 1.62
N GLY A 27 12.46 14.70 2.86
CA GLY A 27 12.65 15.55 4.03
C GLY A 27 11.33 16.11 4.56
N GLY A 28 11.37 16.59 5.81
CA GLY A 28 10.21 17.20 6.45
C GLY A 28 9.24 16.16 6.96
N GLN A 29 8.15 16.64 7.58
CA GLN A 29 7.10 15.76 8.09
C GLN A 29 6.35 15.07 6.96
N GLN A 30 6.31 15.73 5.80
CA GLN A 30 5.59 15.21 4.64
C GLN A 30 6.15 13.86 4.21
N LYS A 31 7.48 13.70 4.26
CA LYS A 31 8.10 12.44 3.86
C LYS A 31 7.59 11.28 4.74
N GLN A 32 7.62 11.47 6.05
CA GLN A 32 7.17 10.45 7.01
C GLN A 32 5.65 10.26 6.94
N LEU A 33 4.93 11.38 6.77
CA LEU A 33 3.46 11.38 6.75
C LEU A 33 2.93 10.53 5.61
N CYS A 34 3.50 10.72 4.42
CA CYS A 34 3.06 9.96 3.23
C CYS A 34 3.49 8.50 3.35
N ARG A 35 4.69 8.25 3.92
CA ARG A 35 5.20 6.89 4.04
C ARG A 35 4.30 6.03 4.92
N PHE A 36 4.00 6.52 6.12
CA PHE A 36 3.20 5.77 7.08
C PHE A 36 1.75 5.66 6.66
N ARG A 37 1.19 6.78 6.19
CA ARG A 37 -0.21 6.80 5.79
C ARG A 37 -0.46 5.80 4.65
N CYS A 38 0.39 5.84 3.64
CA CYS A 38 0.23 5.00 2.45
C CYS A 38 0.79 3.60 2.61
N GLN A 39 2.04 3.46 3.08
CA GLN A 39 2.64 2.13 3.22
C GLN A 39 1.82 1.25 4.18
N GLU A 40 1.36 1.85 5.27
CA GLU A 40 0.64 1.10 6.32
C GLU A 40 -0.82 0.88 5.95
N ARG A 41 -1.52 1.98 5.63
CA ARG A 41 -2.96 1.88 5.33
C ARG A 41 -3.19 1.02 4.13
N TYR A 42 -2.33 1.18 3.12
CA TYR A 42 -2.51 0.40 1.89
C TYR A 42 -2.18 -1.07 2.10
N LYS A 43 -1.15 -1.37 2.91
CA LYS A 43 -0.75 -2.76 3.16
C LYS A 43 -1.94 -3.54 3.75
N LYS A 44 -2.58 -2.92 4.73
CA LYS A 44 -3.76 -3.49 5.38
C LYS A 44 -4.96 -3.57 4.43
N GLU A 45 -5.08 -2.56 3.55
CA GLU A 45 -6.19 -2.49 2.59
C GLU A 45 -6.22 -3.73 1.70
N ARG A 46 -5.05 -4.25 1.36
CA ARG A 46 -4.92 -5.44 0.48
C ARG A 46 -5.61 -6.63 1.11
N GLY A 47 -5.52 -6.70 2.43
CA GLY A 47 -6.00 -7.83 3.19
C GLY A 47 -5.05 -9.04 3.04
N GLN A 48 -3.83 -8.80 2.47
CA GLN A 48 -2.87 -9.86 2.27
C GLN A 48 -2.17 -10.23 3.56
N HIS A 49 -1.97 -11.54 3.75
CA HIS A 49 -1.25 -12.04 4.91
C HIS A 49 -0.36 -13.23 4.55
N ASN A 50 0.62 -13.50 5.41
CA ASN A 50 1.58 -14.59 5.21
C ASN A 50 0.86 -15.94 5.09
N TYR A 51 1.38 -16.81 4.22
CA TYR A 51 0.77 -18.14 3.96
C TYR A 51 -0.62 -17.97 3.32
N LYS A 52 -0.62 -17.72 2.00
CA LYS A 52 -1.87 -17.53 1.25
C LYS A 52 -2.70 -18.82 1.28
N ARG A 53 -2.00 -19.94 1.15
CA ARG A 53 -2.61 -21.26 1.17
C ARG A 53 -3.70 -21.40 0.10
N GLU A 54 -3.37 -22.14 -0.97
CA GLU A 54 -4.33 -22.40 -2.05
C GLU A 54 -5.54 -23.19 -1.51
N ASP A 55 -5.25 -24.20 -0.68
CA ASP A 55 -6.30 -25.06 -0.12
C ASP A 55 -7.09 -25.75 -1.25
N ASP A 56 -6.36 -26.21 -2.27
CA ASP A 56 -6.96 -26.90 -3.42
C ASP A 56 -7.41 -28.30 -3.03
N GLY A 1 -1.77 -20.86 3.07
CA GLY A 1 -1.90 -19.83 1.99
C GLY A 1 -1.29 -20.35 0.70
N VAL A 2 -1.57 -21.63 0.40
CA VAL A 2 -1.10 -22.25 -0.84
C VAL A 2 -1.71 -21.50 -2.02
N ASP A 3 -2.98 -21.15 -1.90
CA ASP A 3 -3.69 -20.41 -2.92
C ASP A 3 -3.06 -19.05 -3.14
N GLU A 4 -3.15 -18.56 -4.39
CA GLU A 4 -2.57 -17.26 -4.75
C GLU A 4 -3.62 -16.38 -5.50
N PRO A 5 -4.67 -15.88 -4.80
CA PRO A 5 -5.73 -15.03 -5.44
C PRO A 5 -5.22 -13.63 -5.75
N SER A 6 -5.93 -12.96 -6.66
CA SER A 6 -5.56 -11.62 -7.07
C SER A 6 -6.77 -10.81 -7.47
N THR A 7 -6.62 -9.49 -7.48
CA THR A 7 -7.71 -8.59 -7.85
C THR A 7 -7.22 -7.50 -8.82
N HIS A 8 -8.17 -6.90 -9.53
CA HIS A 8 -7.88 -5.81 -10.48
C HIS A 8 -8.49 -4.47 -10.02
N GLU A 9 -8.76 -4.36 -8.71
CA GLU A 9 -9.38 -3.16 -8.14
C GLU A 9 -8.48 -1.90 -8.35
N PRO A 10 -9.06 -0.73 -8.74
CA PRO A 10 -8.27 0.54 -8.95
C PRO A 10 -7.54 1.00 -7.68
N ALA A 11 -7.99 0.50 -6.51
CA ALA A 11 -7.42 0.91 -5.22
C ALA A 11 -5.93 0.65 -5.14
N GLU A 12 -5.49 -0.49 -5.69
CA GLU A 12 -4.06 -0.84 -5.67
C GLU A 12 -3.24 0.20 -6.42
N LYS A 13 -3.78 0.67 -7.55
CA LYS A 13 -3.13 1.70 -8.37
C LYS A 13 -3.03 3.01 -7.61
N HIS A 14 -4.08 3.34 -6.85
CA HIS A 14 -4.09 4.57 -6.07
C HIS A 14 -2.93 4.56 -5.08
N LEU A 15 -2.67 3.38 -4.50
CA LEU A 15 -1.56 3.24 -3.59
C LEU A 15 -0.23 3.18 -4.32
N SER A 16 -0.25 2.69 -5.59
CA SER A 16 1.01 2.60 -6.36
C SER A 16 1.63 3.98 -6.50
N GLN A 17 0.77 5.01 -6.69
CA GLN A 17 1.23 6.38 -6.75
C GLN A 17 1.55 6.93 -5.35
N CYS A 18 0.90 6.37 -4.29
CA CYS A 18 1.18 6.81 -2.91
C CYS A 18 2.67 6.69 -2.61
N MET A 19 3.16 5.45 -2.61
CA MET A 19 4.53 5.14 -2.32
C MET A 19 5.47 5.73 -3.34
N ARG A 20 5.07 5.72 -4.62
CA ARG A 20 5.92 6.28 -5.66
C ARG A 20 6.19 7.76 -5.37
N GLN A 21 5.12 8.51 -5.10
CA GLN A 21 5.23 9.95 -4.76
C GLN A 21 5.83 10.15 -3.36
N CYS A 22 5.41 9.30 -2.42
CA CYS A 22 5.83 9.39 -1.02
C CYS A 22 7.32 9.25 -0.92
N GLU A 23 7.81 8.19 -1.53
CA GLU A 23 9.22 7.87 -1.55
C GLU A 23 10.00 8.95 -2.29
N ARG A 24 9.40 9.44 -3.38
CA ARG A 24 10.03 10.48 -4.21
C ARG A 24 10.31 11.74 -3.40
N GLN A 25 9.37 12.08 -2.50
CA GLN A 25 9.49 13.29 -1.67
C GLN A 25 10.67 13.20 -0.72
N GLU A 26 11.40 14.31 -0.58
CA GLU A 26 12.57 14.38 0.31
C GLU A 26 12.33 15.30 1.52
N GLY A 27 11.06 15.64 1.78
CA GLY A 27 10.70 16.53 2.88
C GLY A 27 10.71 15.79 4.22
N GLY A 28 10.39 16.51 5.30
CA GLY A 28 10.37 15.93 6.64
C GLY A 28 8.95 15.56 7.08
N GLN A 29 8.17 16.57 7.46
CA GLN A 29 6.80 16.36 7.92
C GLN A 29 5.94 15.75 6.80
N GLN A 30 6.13 16.25 5.58
CA GLN A 30 5.39 15.74 4.42
C GLN A 30 5.71 14.29 4.15
N LYS A 31 6.99 13.94 4.29
CA LYS A 31 7.43 12.58 4.08
C LYS A 31 6.77 11.62 5.07
N GLN A 32 6.68 12.06 6.34
CA GLN A 32 6.08 11.24 7.39
C GLN A 32 4.59 10.96 7.09
N LEU A 33 3.88 11.98 6.59
CA LEU A 33 2.46 11.85 6.30
C LEU A 33 2.22 10.78 5.24
N CYS A 34 3.02 10.81 4.17
CA CYS A 34 2.90 9.83 3.09
C CYS A 34 3.43 8.45 3.55
N ARG A 35 4.43 8.45 4.45
CA ARG A 35 5.02 7.21 4.91
C ARG A 35 3.96 6.32 5.57
N PHE A 36 3.21 6.89 6.52
CA PHE A 36 2.18 6.12 7.22
C PHE A 36 0.92 5.98 6.37
N ARG A 37 0.50 7.05 5.70
CA ARG A 37 -0.72 7.00 4.89
C ARG A 37 -0.60 5.90 3.83
N CYS A 38 0.53 5.90 3.13
CA CYS A 38 0.79 4.93 2.07
C CYS A 38 1.18 3.56 2.62
N GLN A 39 2.19 3.51 3.49
CA GLN A 39 2.67 2.22 4.04
C GLN A 39 1.60 1.50 4.87
N GLU A 40 0.86 2.25 5.72
CA GLU A 40 -0.18 1.62 6.58
C GLU A 40 -1.31 1.11 5.73
N ARG A 41 -1.72 1.93 4.76
CA ARG A 41 -2.73 1.51 3.81
C ARG A 41 -2.24 0.33 3.01
N TYR A 42 -0.95 0.37 2.69
CA TYR A 42 -0.30 -0.71 1.96
C TYR A 42 -0.37 -2.02 2.75
N LYS A 43 -0.20 -1.94 4.08
CA LYS A 43 -0.28 -3.12 4.93
C LYS A 43 -1.67 -3.75 4.85
N LYS A 44 -2.68 -2.89 4.81
CA LYS A 44 -4.08 -3.31 4.74
C LYS A 44 -4.43 -3.91 3.37
N GLU A 45 -3.95 -3.25 2.32
CA GLU A 45 -4.22 -3.66 0.94
C GLU A 45 -3.69 -5.07 0.68
N ARG A 46 -2.51 -5.34 1.19
CA ARG A 46 -1.87 -6.66 1.05
C ARG A 46 -2.69 -7.73 1.70
N GLY A 47 -3.34 -7.36 2.79
CA GLY A 47 -4.10 -8.27 3.59
C GLY A 47 -3.19 -9.04 4.57
N GLN A 48 -1.93 -8.54 4.75
CA GLN A 48 -1.01 -9.17 5.70
C GLN A 48 -1.62 -9.19 7.07
N HIS A 49 -1.33 -10.24 7.85
CA HIS A 49 -1.87 -10.33 9.21
C HIS A 49 -0.78 -10.73 10.21
N ASN A 50 -0.34 -9.74 11.01
CA ASN A 50 0.67 -9.98 12.05
C ASN A 50 0.15 -9.61 13.46
N TYR A 51 -1.11 -9.14 13.56
CA TYR A 51 -1.69 -8.74 14.83
C TYR A 51 -3.22 -8.86 14.81
N LYS A 52 -3.84 -8.80 16.00
CA LYS A 52 -5.28 -8.86 16.14
C LYS A 52 -5.76 -7.62 16.85
N ARG A 53 -6.87 -7.07 16.38
CA ARG A 53 -7.41 -5.84 16.94
C ARG A 53 -7.98 -6.10 18.34
N GLU A 54 -7.56 -5.29 19.31
CA GLU A 54 -8.03 -5.42 20.70
C GLU A 54 -9.00 -4.32 21.06
N ASP A 55 -8.58 -3.07 20.79
CA ASP A 55 -9.41 -1.90 21.07
C ASP A 55 -10.68 -1.96 20.24
N ASP A 56 -10.50 -2.22 18.94
CA ASP A 56 -11.63 -2.36 18.00
C ASP A 56 -12.69 -1.25 18.24
N GLY A 1 -12.05 2.89 -18.91
CA GLY A 1 -13.04 1.81 -18.59
C GLY A 1 -13.17 1.67 -17.09
N VAL A 2 -13.27 2.80 -16.38
CA VAL A 2 -13.46 2.81 -14.94
C VAL A 2 -14.78 2.10 -14.60
N ASP A 3 -15.80 2.38 -15.42
CA ASP A 3 -17.12 1.80 -15.24
C ASP A 3 -17.08 0.28 -15.36
N GLU A 4 -16.26 -0.20 -16.27
CA GLU A 4 -16.12 -1.64 -16.53
C GLU A 4 -14.62 -2.07 -16.50
N PRO A 5 -14.01 -2.21 -15.29
CA PRO A 5 -12.57 -2.62 -15.17
C PRO A 5 -12.37 -4.08 -15.47
N SER A 6 -11.12 -4.45 -15.77
CA SER A 6 -10.78 -5.82 -16.09
C SER A 6 -9.61 -6.32 -15.26
N THR A 7 -8.49 -5.58 -15.32
CA THR A 7 -7.28 -5.97 -14.59
C THR A 7 -6.77 -4.83 -13.73
N HIS A 8 -5.96 -5.18 -12.71
CA HIS A 8 -5.38 -4.18 -11.81
C HIS A 8 -6.46 -3.27 -11.21
N GLU A 9 -6.85 -3.57 -9.96
CA GLU A 9 -7.90 -2.81 -9.28
C GLU A 9 -7.47 -1.33 -9.06
N PRO A 10 -8.41 -0.36 -9.11
CA PRO A 10 -8.09 1.10 -8.92
C PRO A 10 -7.37 1.37 -7.60
N ALA A 11 -7.75 0.63 -6.55
CA ALA A 11 -7.17 0.82 -5.22
C ALA A 11 -5.68 0.56 -5.21
N GLU A 12 -5.25 -0.48 -5.93
CA GLU A 12 -3.83 -0.86 -6.00
C GLU A 12 -3.02 0.26 -6.64
N LYS A 13 -3.55 0.80 -7.73
CA LYS A 13 -2.90 1.87 -8.49
C LYS A 13 -2.90 3.18 -7.74
N HIS A 14 -4.01 3.48 -7.06
CA HIS A 14 -4.13 4.72 -6.31
C HIS A 14 -3.01 4.78 -5.26
N LEU A 15 -2.84 3.66 -4.56
CA LEU A 15 -1.77 3.55 -3.57
C LEU A 15 -0.40 3.45 -4.26
N SER A 16 -0.38 2.90 -5.49
CA SER A 16 0.88 2.79 -6.25
C SER A 16 1.47 4.19 -6.45
N GLN A 17 0.57 5.16 -6.72
CA GLN A 17 0.97 6.56 -6.85
C GLN A 17 1.52 7.06 -5.52
N CYS A 18 0.85 6.63 -4.44
CA CYS A 18 1.24 7.04 -3.07
C CYS A 18 2.75 6.92 -2.87
N MET A 19 3.24 5.68 -2.97
CA MET A 19 4.64 5.37 -2.72
C MET A 19 5.54 6.04 -3.74
N ARG A 20 5.07 6.14 -4.99
CA ARG A 20 5.87 6.77 -6.03
C ARG A 20 6.16 8.22 -5.66
N GLN A 21 5.10 8.96 -5.29
CA GLN A 21 5.25 10.36 -4.87
C GLN A 21 5.91 10.46 -3.49
N CYS A 22 5.51 9.55 -2.60
CA CYS A 22 5.98 9.54 -1.22
C CYS A 22 7.49 9.31 -1.14
N GLU A 23 7.91 8.23 -1.75
CA GLU A 23 9.30 7.77 -1.72
C GLU A 23 10.22 8.74 -2.43
N ARG A 24 9.79 9.19 -3.60
CA ARG A 24 10.61 10.14 -4.41
C ARG A 24 10.69 11.52 -3.76
N GLN A 25 9.57 11.96 -3.15
CA GLN A 25 9.51 13.24 -2.49
C GLN A 25 10.04 13.14 -1.08
N GLU A 26 10.70 14.20 -0.62
CA GLU A 26 11.28 14.21 0.74
C GLU A 26 10.95 15.51 1.45
N GLY A 27 10.87 15.43 2.78
CA GLY A 27 10.52 16.58 3.61
C GLY A 27 10.38 16.17 5.07
N GLY A 28 9.84 17.07 5.89
CA GLY A 28 9.65 16.81 7.31
C GLY A 28 8.33 16.07 7.58
N GLN A 29 7.30 16.84 7.95
CA GLN A 29 5.99 16.28 8.26
C GLN A 29 5.36 15.61 7.05
N GLN A 30 5.54 16.23 5.88
CA GLN A 30 4.95 15.74 4.63
C GLN A 30 5.48 14.36 4.29
N LYS A 31 6.79 14.16 4.46
CA LYS A 31 7.41 12.89 4.14
C LYS A 31 6.84 11.77 5.02
N GLN A 32 6.72 12.06 6.32
CA GLN A 32 6.18 11.09 7.27
C GLN A 32 4.72 10.76 6.96
N LEU A 33 3.95 11.78 6.56
CA LEU A 33 2.53 11.61 6.28
C LEU A 33 2.31 10.59 5.17
N CYS A 34 3.07 10.74 4.07
CA CYS A 34 2.99 9.79 2.95
C CYS A 34 3.59 8.43 3.35
N ARG A 35 4.60 8.49 4.21
CA ARG A 35 5.28 7.29 4.67
C ARG A 35 4.31 6.33 5.38
N PHE A 36 3.53 6.86 6.33
CA PHE A 36 2.61 6.01 7.08
C PHE A 36 1.26 5.90 6.38
N ARG A 37 0.78 6.99 5.79
CA ARG A 37 -0.53 6.97 5.14
C ARG A 37 -0.53 5.89 4.04
N CYS A 38 0.50 5.91 3.21
CA CYS A 38 0.64 4.96 2.10
C CYS A 38 1.04 3.57 2.60
N GLN A 39 2.11 3.49 3.38
CA GLN A 39 2.64 2.19 3.85
C GLN A 39 1.64 1.46 4.77
N GLU A 40 1.00 2.20 5.68
CA GLU A 40 0.06 1.58 6.65
C GLU A 40 -1.15 1.07 5.94
N ARG A 41 -1.68 1.89 5.03
CA ARG A 41 -2.80 1.45 4.19
C ARG A 41 -2.36 0.30 3.31
N TYR A 42 -1.09 0.34 2.88
CA TYR A 42 -0.52 -0.74 2.08
C TYR A 42 -0.50 -2.05 2.86
N LYS A 43 -0.10 -1.97 4.15
CA LYS A 43 -0.03 -3.15 5.00
C LYS A 43 -1.42 -3.81 5.11
N LYS A 44 -2.42 -2.97 5.32
CA LYS A 44 -3.82 -3.41 5.42
C LYS A 44 -4.27 -4.04 4.11
N GLU A 45 -3.87 -3.41 3.01
CA GLU A 45 -4.21 -3.87 1.66
C GLU A 45 -3.77 -5.33 1.45
N ARG A 46 -2.68 -5.72 2.13
CA ARG A 46 -2.14 -7.09 2.02
C ARG A 46 -3.19 -8.10 2.44
N GLY A 47 -3.97 -7.73 3.45
CA GLY A 47 -4.95 -8.61 4.03
C GLY A 47 -4.30 -9.68 4.90
N GLN A 48 -3.06 -9.39 5.37
CA GLN A 48 -2.33 -10.33 6.24
C GLN A 48 -3.16 -10.70 7.43
N HIS A 49 -3.03 -11.94 7.90
CA HIS A 49 -3.77 -12.40 9.07
C HIS A 49 -2.84 -13.12 10.07
N ASN A 50 -1.81 -13.81 9.54
CA ASN A 50 -0.87 -14.55 10.38
C ASN A 50 -0.14 -13.61 11.35
N TYR A 51 0.22 -12.43 10.85
CA TYR A 51 0.92 -11.43 11.65
C TYR A 51 -0.02 -10.35 12.12
N LYS A 52 0.30 -9.82 13.29
CA LYS A 52 -0.53 -8.81 13.91
C LYS A 52 0.34 -7.82 14.68
N ARG A 53 -0.11 -6.57 14.77
CA ARG A 53 0.62 -5.54 15.47
C ARG A 53 -0.15 -5.03 16.70
N GLU A 54 -1.43 -4.71 16.49
CA GLU A 54 -2.28 -4.21 17.56
C GLU A 54 -3.37 -5.24 17.91
N ASP A 55 -3.37 -5.71 19.17
CA ASP A 55 -4.35 -6.71 19.63
C ASP A 55 -5.57 -6.06 20.31
N ASP A 56 -5.66 -4.73 20.28
CA ASP A 56 -6.76 -4.00 20.91
C ASP A 56 -6.63 -2.49 20.64
N GLY A 1 18.52 -19.08 3.58
CA GLY A 1 17.73 -17.82 3.44
C GLY A 1 18.54 -16.80 2.64
N VAL A 2 18.61 -15.56 3.16
CA VAL A 2 19.34 -14.46 2.48
C VAL A 2 18.65 -14.05 1.15
N ASP A 3 17.49 -14.68 0.84
CA ASP A 3 16.76 -14.38 -0.38
C ASP A 3 15.61 -13.43 -0.11
N GLU A 4 15.30 -12.57 -1.10
CA GLU A 4 14.23 -11.60 -0.98
C GLU A 4 13.31 -11.59 -2.26
N PRO A 5 12.58 -12.70 -2.53
CA PRO A 5 11.67 -12.78 -3.73
C PRO A 5 10.44 -11.91 -3.57
N SER A 6 9.82 -11.54 -4.70
CA SER A 6 8.63 -10.70 -4.68
C SER A 6 7.79 -10.89 -5.92
N THR A 7 6.53 -10.44 -5.84
CA THR A 7 5.60 -10.53 -6.96
C THR A 7 4.89 -9.19 -7.17
N HIS A 8 4.32 -9.00 -8.37
CA HIS A 8 3.61 -7.78 -8.71
C HIS A 8 2.15 -7.83 -8.25
N GLU A 9 1.95 -7.60 -6.95
CA GLU A 9 0.62 -7.63 -6.34
C GLU A 9 -0.17 -6.34 -6.63
N PRO A 10 -1.53 -6.37 -6.59
CA PRO A 10 -2.37 -5.13 -6.82
C PRO A 10 -2.00 -3.99 -5.86
N ALA A 11 -1.41 -4.36 -4.73
CA ALA A 11 -0.99 -3.40 -3.71
C ALA A 11 0.01 -2.39 -4.26
N GLU A 12 0.88 -2.86 -5.17
CA GLU A 12 1.91 -2.01 -5.74
C GLU A 12 1.29 -0.81 -6.46
N LYS A 13 0.22 -1.06 -7.19
CA LYS A 13 -0.48 -0.01 -7.95
C LYS A 13 -1.17 0.97 -7.00
N HIS A 14 -1.80 0.45 -5.94
CA HIS A 14 -2.46 1.30 -4.94
C HIS A 14 -1.43 2.19 -4.26
N LEU A 15 -0.26 1.61 -3.98
CA LEU A 15 0.85 2.35 -3.42
C LEU A 15 1.43 3.30 -4.47
N SER A 16 1.32 2.94 -5.75
CA SER A 16 1.91 3.73 -6.82
C SER A 16 1.34 5.14 -6.87
N GLN A 17 0.00 5.24 -6.79
CA GLN A 17 -0.64 6.55 -6.83
C GLN A 17 -0.43 7.30 -5.50
N CYS A 18 -0.46 6.55 -4.36
CA CYS A 18 -0.23 7.20 -3.06
C CYS A 18 1.17 7.74 -3.00
N MET A 19 2.12 6.83 -3.10
CA MET A 19 3.52 7.16 -2.99
C MET A 19 3.91 8.28 -3.96
N ARG A 20 3.30 8.30 -5.14
CA ARG A 20 3.61 9.35 -6.12
C ARG A 20 3.36 10.73 -5.51
N GLN A 21 2.11 10.99 -5.13
CA GLN A 21 1.72 12.27 -4.52
C GLN A 21 2.33 12.46 -3.10
N CYS A 22 2.33 11.37 -2.34
CA CYS A 22 2.76 11.38 -0.95
C CYS A 22 4.27 11.59 -0.80
N GLU A 23 5.08 10.86 -1.57
CA GLU A 23 6.54 11.01 -1.52
C GLU A 23 6.98 12.35 -2.08
N ARG A 24 6.35 12.73 -3.18
CA ARG A 24 6.71 13.96 -3.90
C ARG A 24 6.52 15.20 -3.02
N GLN A 25 5.43 15.23 -2.24
CA GLN A 25 5.15 16.36 -1.38
C GLN A 25 6.02 16.32 -0.14
N GLU A 26 6.40 17.50 0.33
CA GLU A 26 7.23 17.62 1.55
C GLU A 26 8.62 16.98 1.30
N GLY A 27 9.38 16.77 2.38
CA GLY A 27 10.71 16.15 2.27
C GLY A 27 11.22 15.68 3.64
N GLY A 28 12.40 15.04 3.62
CA GLY A 28 13.02 14.54 4.86
C GLY A 28 12.12 13.52 5.55
N GLN A 29 11.77 13.81 6.81
CA GLN A 29 10.95 12.92 7.62
C GLN A 29 9.59 12.68 6.96
N GLN A 30 9.04 13.73 6.34
CA GLN A 30 7.71 13.64 5.69
C GLN A 30 7.71 12.60 4.59
N LYS A 31 8.79 12.54 3.82
CA LYS A 31 8.88 11.57 2.73
C LYS A 31 8.79 10.15 3.32
N GLN A 32 9.54 9.94 4.40
CA GLN A 32 9.53 8.66 5.11
C GLN A 32 8.14 8.37 5.66
N LEU A 33 7.46 9.42 6.14
CA LEU A 33 6.12 9.29 6.73
C LEU A 33 5.19 8.63 5.73
N CYS A 34 5.27 9.06 4.45
CA CYS A 34 4.44 8.47 3.41
C CYS A 34 4.81 7.05 3.12
N ARG A 35 6.12 6.72 3.18
CA ARG A 35 6.56 5.36 2.85
C ARG A 35 5.77 4.36 3.68
N PHE A 36 5.71 4.62 4.99
CA PHE A 36 4.92 3.80 5.88
C PHE A 36 3.45 4.07 5.71
N ARG A 37 3.04 5.36 5.76
CA ARG A 37 1.60 5.72 5.74
C ARG A 37 0.86 5.17 4.52
N CYS A 38 1.38 5.38 3.32
CA CYS A 38 0.75 4.83 2.10
C CYS A 38 0.79 3.30 2.17
N GLN A 39 1.91 2.75 2.65
CA GLN A 39 2.05 1.29 2.75
C GLN A 39 1.03 0.66 3.74
N GLU A 40 0.92 1.22 4.95
CA GLU A 40 0.03 0.69 5.99
C GLU A 40 -1.43 1.08 5.81
N ARG A 41 -1.67 2.32 5.40
CA ARG A 41 -3.03 2.80 5.21
C ARG A 41 -3.73 2.04 4.13
N TYR A 42 -3.02 1.82 3.03
CA TYR A 42 -3.59 1.12 1.89
C TYR A 42 -3.82 -0.38 2.16
N LYS A 43 -2.89 -1.03 2.90
CA LYS A 43 -3.10 -2.46 3.24
C LYS A 43 -4.38 -2.65 4.05
N LYS A 44 -4.63 -1.72 4.95
CA LYS A 44 -5.80 -1.74 5.85
C LYS A 44 -7.12 -1.63 5.07
N GLU A 45 -7.15 -0.68 4.14
CA GLU A 45 -8.36 -0.39 3.37
C GLU A 45 -8.82 -1.59 2.57
N ARG A 46 -7.86 -2.31 1.99
CA ARG A 46 -8.16 -3.50 1.17
C ARG A 46 -8.85 -4.56 2.00
N GLY A 47 -8.41 -4.65 3.26
CA GLY A 47 -8.85 -5.69 4.15
C GLY A 47 -8.08 -7.01 3.86
N GLN A 48 -7.10 -6.95 2.92
CA GLN A 48 -6.32 -8.10 2.52
C GLN A 48 -5.11 -8.28 3.43
N HIS A 49 -4.74 -9.54 3.66
CA HIS A 49 -3.55 -9.86 4.46
C HIS A 49 -2.97 -11.21 4.04
N ASN A 50 -2.14 -11.19 2.98
CA ASN A 50 -1.51 -12.40 2.47
C ASN A 50 -0.29 -12.06 1.60
N TYR A 51 0.42 -13.10 1.16
CA TYR A 51 1.63 -12.92 0.33
C TYR A 51 1.37 -13.20 -1.16
N LYS A 52 0.22 -13.84 -1.47
CA LYS A 52 -0.12 -14.23 -2.85
C LYS A 52 0.85 -15.32 -3.31
N ARG A 53 1.07 -16.30 -2.43
CA ARG A 53 2.00 -17.38 -2.70
C ARG A 53 1.67 -18.06 -4.03
N GLU A 54 2.72 -18.37 -4.81
CA GLU A 54 2.56 -19.03 -6.11
C GLU A 54 1.87 -20.40 -5.93
N ASP A 55 0.76 -20.59 -6.66
CA ASP A 55 -0.01 -21.86 -6.56
C ASP A 55 0.20 -22.78 -7.76
N ASP A 56 1.19 -22.45 -8.62
CA ASP A 56 1.48 -23.27 -9.79
C ASP A 56 2.97 -23.20 -10.15
N GLY A 1 -23.69 -6.62 -1.78
CA GLY A 1 -22.54 -6.87 -2.70
C GLY A 1 -22.22 -5.62 -3.48
N VAL A 2 -22.25 -4.47 -2.79
CA VAL A 2 -21.90 -3.18 -3.40
C VAL A 2 -20.44 -3.25 -3.86
N ASP A 3 -19.59 -3.84 -3.02
CA ASP A 3 -18.19 -3.99 -3.31
C ASP A 3 -17.98 -4.87 -4.55
N GLU A 4 -16.90 -4.59 -5.28
CA GLU A 4 -16.58 -5.33 -6.50
C GLU A 4 -15.10 -5.82 -6.46
N PRO A 5 -14.77 -6.84 -5.62
CA PRO A 5 -13.37 -7.36 -5.51
C PRO A 5 -12.96 -8.14 -6.73
N SER A 6 -11.65 -8.10 -7.02
CA SER A 6 -11.11 -8.77 -8.17
C SER A 6 -9.62 -8.96 -8.04
N THR A 7 -9.04 -9.69 -9.00
CA THR A 7 -7.61 -9.92 -9.02
C THR A 7 -6.85 -8.60 -9.24
N HIS A 8 -7.46 -7.70 -10.03
CA HIS A 8 -6.87 -6.39 -10.31
C HIS A 8 -7.62 -5.31 -9.51
N GLU A 9 -7.06 -4.92 -8.36
CA GLU A 9 -7.69 -3.93 -7.48
C GLU A 9 -7.32 -2.48 -7.89
N PRO A 10 -8.31 -1.59 -8.18
CA PRO A 10 -8.02 -0.15 -8.51
C PRO A 10 -7.29 0.56 -7.36
N ALA A 11 -7.61 0.15 -6.12
CA ALA A 11 -7.02 0.73 -4.92
C ALA A 11 -5.51 0.56 -4.91
N GLU A 12 -5.04 -0.60 -5.38
CA GLU A 12 -3.61 -0.90 -5.41
C GLU A 12 -2.86 0.10 -6.28
N LYS A 13 -3.49 0.50 -7.40
CA LYS A 13 -2.89 1.47 -8.32
C LYS A 13 -2.79 2.83 -7.66
N HIS A 14 -3.83 3.20 -6.89
CA HIS A 14 -3.83 4.47 -6.16
C HIS A 14 -2.67 4.47 -5.16
N LEU A 15 -2.47 3.32 -4.53
CA LEU A 15 -1.37 3.19 -3.61
C LEU A 15 -0.02 3.12 -4.34
N SER A 16 -0.03 2.66 -5.60
CA SER A 16 1.22 2.56 -6.37
C SER A 16 1.83 3.94 -6.49
N GLN A 17 0.99 4.94 -6.78
CA GLN A 17 1.45 6.31 -6.81
C GLN A 17 1.77 6.83 -5.40
N CYS A 18 1.19 6.19 -4.33
CA CYS A 18 1.50 6.62 -2.95
C CYS A 18 3.00 6.42 -2.67
N MET A 19 3.41 5.19 -2.56
CA MET A 19 4.77 4.89 -2.20
C MET A 19 5.76 5.58 -3.14
N ARG A 20 5.43 5.60 -4.44
CA ARG A 20 6.32 6.23 -5.42
C ARG A 20 6.32 7.78 -5.31
N GLN A 21 5.15 8.40 -5.58
CA GLN A 21 5.03 9.87 -5.57
C GLN A 21 5.08 10.46 -4.15
N CYS A 22 4.37 9.81 -3.24
CA CYS A 22 4.24 10.29 -1.87
C CYS A 22 5.56 10.19 -1.10
N GLU A 23 6.33 9.07 -1.24
CA GLU A 23 7.63 8.96 -0.54
C GLU A 23 8.66 9.90 -1.16
N ARG A 24 8.64 9.98 -2.50
CA ARG A 24 9.64 10.75 -3.23
C ARG A 24 9.62 12.25 -2.86
N GLN A 25 8.42 12.82 -2.66
CA GLN A 25 8.30 14.23 -2.32
C GLN A 25 9.14 14.55 -1.09
N GLU A 26 9.92 15.63 -1.18
CA GLU A 26 10.82 16.03 -0.11
C GLU A 26 10.25 17.19 0.70
N GLY A 27 10.39 17.09 2.02
CA GLY A 27 9.88 18.12 2.93
C GLY A 27 10.07 17.67 4.37
N GLY A 28 9.40 18.37 5.29
CA GLY A 28 9.49 18.04 6.71
C GLY A 28 8.57 16.87 7.07
N GLN A 29 7.39 17.21 7.57
CA GLN A 29 6.39 16.20 7.96
C GLN A 29 5.78 15.48 6.75
N GLN A 30 5.75 16.18 5.61
CA GLN A 30 5.10 15.66 4.40
C GLN A 30 5.72 14.35 3.93
N LYS A 31 7.06 14.26 3.91
CA LYS A 31 7.72 13.04 3.45
C LYS A 31 7.47 11.88 4.43
N GLN A 32 7.55 12.18 5.72
CA GLN A 32 7.30 11.20 6.77
C GLN A 32 5.85 10.71 6.72
N LEU A 33 4.93 11.64 6.45
CA LEU A 33 3.51 11.34 6.41
C LEU A 33 3.24 10.27 5.36
N CYS A 34 3.86 10.42 4.18
CA CYS A 34 3.66 9.46 3.09
C CYS A 34 4.21 8.09 3.47
N ARG A 35 5.34 8.08 4.18
CA ARG A 35 6.00 6.84 4.54
C ARG A 35 5.06 5.95 5.33
N PHE A 36 4.42 6.51 6.36
CA PHE A 36 3.48 5.71 7.18
C PHE A 36 2.09 5.68 6.55
N ARG A 37 1.63 6.81 6.02
CA ARG A 37 0.30 6.87 5.45
C ARG A 37 0.16 5.87 4.31
N CYS A 38 1.14 5.87 3.38
CA CYS A 38 1.11 4.91 2.27
C CYS A 38 1.36 3.49 2.77
N GLN A 39 2.34 3.32 3.68
CA GLN A 39 2.70 1.98 4.21
C GLN A 39 1.54 1.31 4.98
N GLU A 40 0.87 2.08 5.85
CA GLU A 40 -0.23 1.55 6.68
C GLU A 40 -1.39 1.14 5.80
N ARG A 41 -1.67 1.98 4.83
CA ARG A 41 -2.70 1.67 3.82
C ARG A 41 -2.24 0.51 2.95
N TYR A 42 -0.91 0.42 2.74
CA TYR A 42 -0.34 -0.65 1.94
C TYR A 42 -0.48 -2.02 2.61
N LYS A 43 -0.11 -2.12 3.90
CA LYS A 43 -0.22 -3.39 4.62
C LYS A 43 -1.67 -3.87 4.68
N LYS A 44 -2.59 -2.91 4.79
CA LYS A 44 -4.03 -3.18 4.79
C LYS A 44 -4.49 -3.65 3.42
N GLU A 45 -3.95 -3.00 2.40
CA GLU A 45 -4.28 -3.31 1.00
C GLU A 45 -3.99 -4.78 0.69
N ARG A 46 -3.00 -5.36 1.39
CA ARG A 46 -2.62 -6.76 1.20
C ARG A 46 -3.78 -7.67 1.49
N GLY A 47 -4.60 -7.26 2.45
CA GLY A 47 -5.69 -8.06 2.94
C GLY A 47 -5.23 -9.01 4.05
N GLN A 48 -3.97 -8.83 4.53
CA GLN A 48 -3.43 -9.65 5.60
C GLN A 48 -4.21 -9.43 6.87
N HIS A 49 -4.11 -10.38 7.78
CA HIS A 49 -4.80 -10.29 9.05
C HIS A 49 -3.98 -10.95 10.15
N ASN A 50 -4.16 -10.50 11.39
CA ASN A 50 -3.39 -11.02 12.53
C ASN A 50 -3.41 -12.55 12.57
N TYR A 51 -2.23 -13.14 12.86
CA TYR A 51 -2.10 -14.60 12.95
C TYR A 51 -1.77 -15.02 14.37
N LYS A 52 -2.27 -16.20 14.77
CA LYS A 52 -2.02 -16.72 16.12
C LYS A 52 -1.26 -18.03 16.03
N ARG A 53 -1.84 -19.00 15.32
CA ARG A 53 -1.22 -20.32 15.16
C ARG A 53 -1.44 -20.86 13.74
N GLU A 54 -0.53 -21.74 13.30
CA GLU A 54 -0.64 -22.34 11.97
C GLU A 54 -1.95 -23.14 11.85
N ASP A 55 -2.03 -24.04 10.85
CA ASP A 55 -3.23 -24.85 10.63
C ASP A 55 -2.86 -26.33 10.50
N ASP A 56 -3.90 -27.18 10.39
CA ASP A 56 -3.70 -28.62 10.27
C ASP A 56 -5.03 -29.34 10.06
N GLY A 1 -20.34 -11.76 -1.47
CA GLY A 1 -19.71 -12.13 -2.77
C GLY A 1 -18.33 -12.72 -2.51
N VAL A 2 -18.21 -13.53 -1.45
CA VAL A 2 -16.94 -14.20 -1.13
C VAL A 2 -16.51 -15.16 -2.25
N ASP A 3 -17.43 -15.45 -3.17
CA ASP A 3 -17.17 -16.35 -4.28
C ASP A 3 -16.63 -15.62 -5.53
N GLU A 4 -16.28 -14.34 -5.36
CA GLU A 4 -15.75 -13.53 -6.45
C GLU A 4 -14.44 -12.80 -6.01
N PRO A 5 -13.31 -13.55 -5.85
CA PRO A 5 -12.01 -12.94 -5.41
C PRO A 5 -11.38 -12.09 -6.49
N SER A 6 -10.52 -11.15 -6.06
CA SER A 6 -9.85 -10.25 -6.98
C SER A 6 -8.52 -9.79 -6.40
N THR A 7 -7.65 -9.28 -7.29
CA THR A 7 -6.34 -8.79 -6.88
C THR A 7 -6.03 -7.42 -7.51
N HIS A 8 -6.34 -7.28 -8.81
CA HIS A 8 -6.07 -6.04 -9.53
C HIS A 8 -7.20 -5.01 -9.28
N GLU A 9 -7.30 -4.56 -8.02
CA GLU A 9 -8.32 -3.58 -7.64
C GLU A 9 -7.82 -2.13 -7.89
N PRO A 10 -8.75 -1.16 -8.14
CA PRO A 10 -8.36 0.28 -8.36
C PRO A 10 -7.58 0.86 -7.17
N ALA A 11 -7.84 0.31 -5.98
CA ALA A 11 -7.21 0.79 -4.74
C ALA A 11 -5.70 0.68 -4.82
N GLU A 12 -5.20 -0.39 -5.44
CA GLU A 12 -3.75 -0.62 -5.55
C GLU A 12 -3.10 0.51 -6.34
N LYS A 13 -3.79 0.98 -7.38
CA LYS A 13 -3.26 2.00 -8.27
C LYS A 13 -3.16 3.34 -7.53
N HIS A 14 -4.20 3.66 -6.75
CA HIS A 14 -4.21 4.91 -5.99
C HIS A 14 -3.06 4.92 -5.00
N LEU A 15 -2.81 3.76 -4.39
CA LEU A 15 -1.69 3.63 -3.46
C LEU A 15 -0.35 3.65 -4.19
N SER A 16 -0.35 3.19 -5.45
CA SER A 16 0.89 3.20 -6.26
C SER A 16 1.39 4.65 -6.36
N GLN A 17 0.44 5.57 -6.49
CA GLN A 17 0.76 7.00 -6.52
C GLN A 17 1.34 7.39 -5.16
N CYS A 18 0.75 6.83 -4.09
CA CYS A 18 1.20 7.14 -2.72
C CYS A 18 2.70 6.92 -2.58
N MET A 19 3.13 5.66 -2.66
CA MET A 19 4.50 5.28 -2.51
C MET A 19 5.39 5.89 -3.57
N ARG A 20 4.88 5.99 -4.80
CA ARG A 20 5.67 6.57 -5.88
C ARG A 20 6.05 8.01 -5.53
N GLN A 21 5.05 8.82 -5.12
CA GLN A 21 5.30 10.21 -4.71
C GLN A 21 6.01 10.28 -3.36
N CYS A 22 5.59 9.41 -2.44
CA CYS A 22 6.09 9.38 -1.07
C CYS A 22 7.58 9.09 -1.04
N GLU A 23 7.93 8.00 -1.67
CA GLU A 23 9.30 7.49 -1.69
C GLU A 23 10.24 8.44 -2.44
N ARG A 24 9.78 8.91 -3.60
CA ARG A 24 10.59 9.82 -4.43
C ARG A 24 10.71 11.22 -3.81
N GLN A 25 9.62 11.71 -3.21
CA GLN A 25 9.61 13.03 -2.60
C GLN A 25 10.18 12.98 -1.19
N GLU A 26 10.86 14.05 -0.79
CA GLU A 26 11.49 14.11 0.53
C GLU A 26 11.14 15.43 1.22
N GLY A 27 10.99 15.38 2.55
CA GLY A 27 10.65 16.55 3.34
C GLY A 27 10.45 16.18 4.80
N GLY A 28 9.85 17.10 5.57
CA GLY A 28 9.60 16.88 6.99
C GLY A 28 8.22 16.28 7.24
N GLN A 29 7.21 17.14 7.42
CA GLN A 29 5.84 16.70 7.69
C GLN A 29 5.28 15.90 6.52
N GLN A 30 5.57 16.37 5.30
CA GLN A 30 5.08 15.72 4.09
C GLN A 30 5.61 14.31 3.95
N LYS A 31 6.90 14.14 4.26
CA LYS A 31 7.54 12.84 4.17
C LYS A 31 6.87 11.83 5.13
N GLN A 32 6.73 12.23 6.38
CA GLN A 32 6.13 11.38 7.41
C GLN A 32 4.66 11.06 7.09
N LEU A 33 3.94 12.06 6.57
CA LEU A 33 2.53 11.91 6.27
C LEU A 33 2.33 10.78 5.25
N CYS A 34 3.14 10.79 4.19
CA CYS A 34 3.07 9.75 3.16
C CYS A 34 3.68 8.42 3.67
N ARG A 35 4.59 8.52 4.64
CA ARG A 35 5.26 7.33 5.19
C ARG A 35 4.23 6.37 5.79
N PHE A 36 3.33 6.91 6.64
CA PHE A 36 2.32 6.07 7.30
C PHE A 36 1.05 5.95 6.47
N ARG A 37 0.64 7.04 5.84
CA ARG A 37 -0.60 7.01 5.04
C ARG A 37 -0.49 5.92 3.97
N CYS A 38 0.62 5.93 3.26
CA CYS A 38 0.88 4.97 2.18
C CYS A 38 1.25 3.59 2.72
N GLN A 39 2.26 3.53 3.60
CA GLN A 39 2.74 2.22 4.13
C GLN A 39 1.67 1.49 4.93
N GLU A 40 0.94 2.21 5.77
CA GLU A 40 -0.09 1.59 6.63
C GLU A 40 -1.21 1.05 5.80
N ARG A 41 -1.63 1.86 4.82
CA ARG A 41 -2.66 1.42 3.87
C ARG A 41 -2.12 0.30 2.98
N TYR A 42 -0.82 0.37 2.68
CA TYR A 42 -0.19 -0.66 1.86
C TYR A 42 -0.22 -2.03 2.55
N LYS A 43 0.12 -2.05 3.85
CA LYS A 43 0.11 -3.31 4.60
C LYS A 43 -1.30 -3.92 4.62
N LYS A 44 -2.27 -3.04 4.82
CA LYS A 44 -3.69 -3.43 4.83
C LYS A 44 -4.15 -3.95 3.47
N GLU A 45 -3.65 -3.30 2.40
CA GLU A 45 -3.99 -3.68 1.03
C GLU A 45 -3.64 -5.14 0.77
N ARG A 46 -2.54 -5.59 1.39
CA ARG A 46 -2.06 -6.98 1.22
C ARG A 46 -3.11 -7.97 1.66
N GLY A 47 -3.85 -7.58 2.70
CA GLY A 47 -4.84 -8.45 3.29
C GLY A 47 -4.18 -9.59 4.09
N GLN A 48 -2.92 -9.37 4.53
CA GLN A 48 -2.19 -10.38 5.29
C GLN A 48 -2.99 -10.78 6.51
N HIS A 49 -2.88 -12.05 6.89
CA HIS A 49 -3.56 -12.54 8.09
C HIS A 49 -2.57 -12.98 9.18
N ASN A 50 -1.31 -12.53 9.07
CA ASN A 50 -0.27 -12.88 10.05
C ASN A 50 -0.67 -12.40 11.45
N TYR A 51 -1.19 -11.17 11.51
CA TYR A 51 -1.63 -10.59 12.78
C TYR A 51 -2.83 -11.39 13.32
N LYS A 52 -2.85 -11.59 14.65
CA LYS A 52 -3.93 -12.34 15.30
C LYS A 52 -5.00 -11.36 15.74
N ARG A 53 -5.90 -11.04 14.81
CA ARG A 53 -6.96 -10.07 15.08
C ARG A 53 -8.20 -10.78 15.63
N GLU A 54 -8.67 -10.32 16.79
CA GLU A 54 -9.88 -10.89 17.42
C GLU A 54 -10.51 -9.90 18.39
N ASP A 55 -11.63 -10.31 18.97
CA ASP A 55 -12.36 -9.48 19.94
C ASP A 55 -13.20 -10.35 20.87
N ASP A 56 -12.72 -10.50 22.12
CA ASP A 56 -13.44 -11.31 23.12
C ASP A 56 -13.58 -10.54 24.43
N GLY A 1 6.40 -19.58 3.72
CA GLY A 1 5.76 -19.09 2.45
C GLY A 1 5.77 -17.57 2.42
N VAL A 2 6.89 -16.98 2.85
CA VAL A 2 7.05 -15.51 2.84
C VAL A 2 7.65 -15.02 1.52
N ASP A 3 7.69 -15.90 0.51
CA ASP A 3 8.28 -15.58 -0.79
C ASP A 3 7.20 -15.21 -1.83
N GLU A 4 6.10 -14.64 -1.34
CA GLU A 4 4.97 -14.26 -2.21
C GLU A 4 5.48 -13.37 -3.40
N PRO A 5 5.30 -13.79 -4.67
CA PRO A 5 5.77 -12.99 -5.86
C PRO A 5 4.83 -11.85 -6.20
N SER A 6 5.35 -10.91 -7.00
CA SER A 6 4.57 -9.76 -7.44
C SER A 6 5.12 -9.23 -8.77
N THR A 7 4.27 -8.50 -9.50
CA THR A 7 4.67 -7.92 -10.79
C THR A 7 3.72 -6.81 -11.22
N HIS A 8 2.45 -7.18 -11.40
CA HIS A 8 1.43 -6.22 -11.84
C HIS A 8 0.13 -6.36 -11.01
N GLU A 9 0.29 -6.71 -9.72
CA GLU A 9 -0.85 -6.89 -8.84
C GLU A 9 -1.54 -5.53 -8.55
N PRO A 10 -2.88 -5.52 -8.31
CA PRO A 10 -3.63 -4.24 -8.02
C PRO A 10 -3.04 -3.48 -6.83
N ALA A 11 -2.47 -4.23 -5.88
CA ALA A 11 -1.90 -3.64 -4.67
C ALA A 11 -0.78 -2.65 -5.01
N GLU A 12 0.05 -3.01 -5.99
CA GLU A 12 1.16 -2.16 -6.40
C GLU A 12 0.66 -0.81 -6.94
N LYS A 13 -0.43 -0.86 -7.70
CA LYS A 13 -1.01 0.35 -8.31
C LYS A 13 -1.52 1.34 -7.27
N HIS A 14 -2.18 0.81 -6.24
CA HIS A 14 -2.72 1.66 -5.17
C HIS A 14 -1.59 2.38 -4.45
N LEU A 15 -0.50 1.66 -4.23
CA LEU A 15 0.70 2.24 -3.64
C LEU A 15 1.39 3.16 -4.63
N SER A 16 1.23 2.89 -5.94
CA SER A 16 1.88 3.70 -6.96
C SER A 16 1.40 5.14 -6.91
N GLN A 17 0.08 5.33 -6.72
CA GLN A 17 -0.49 6.67 -6.65
C GLN A 17 -0.18 7.36 -5.31
N CYS A 18 -0.14 6.58 -4.20
CA CYS A 18 0.17 7.18 -2.89
C CYS A 18 1.61 7.56 -2.82
N MET A 19 2.44 6.60 -3.16
CA MET A 19 3.87 6.77 -3.17
C MET A 19 4.26 7.88 -4.13
N ARG A 20 3.51 8.04 -5.23
CA ARG A 20 3.79 9.13 -6.17
C ARG A 20 3.70 10.47 -5.41
N GLN A 21 2.58 10.67 -4.70
CA GLN A 21 2.37 11.89 -3.89
C GLN A 21 3.37 11.95 -2.73
N CYS A 22 3.62 10.80 -2.10
CA CYS A 22 4.54 10.68 -0.97
C CYS A 22 5.95 11.14 -1.36
N GLU A 23 6.43 10.53 -2.41
CA GLU A 23 7.76 10.75 -2.94
C GLU A 23 7.90 12.16 -3.47
N ARG A 24 6.84 12.63 -4.14
CA ARG A 24 6.82 13.99 -4.67
C ARG A 24 6.91 15.02 -3.54
N GLN A 25 6.25 14.72 -2.41
CA GLN A 25 6.33 15.59 -1.25
C GLN A 25 7.75 15.62 -0.74
N GLU A 26 8.20 16.80 -0.31
CA GLU A 26 9.58 16.97 0.13
C GLU A 26 9.64 17.52 1.55
N GLY A 27 10.54 16.96 2.36
CA GLY A 27 10.70 17.38 3.75
C GLY A 27 11.37 16.29 4.56
N GLY A 28 11.22 16.35 5.89
CA GLY A 28 11.83 15.38 6.79
C GLY A 28 10.83 14.30 7.22
N GLN A 29 10.06 14.62 8.26
CA GLN A 29 9.08 13.68 8.83
C GLN A 29 7.99 13.31 7.83
N GLN A 30 7.54 14.31 7.06
CA GLN A 30 6.44 14.11 6.10
C GLN A 30 6.80 13.05 5.07
N LYS A 31 8.04 13.08 4.60
CA LYS A 31 8.48 12.11 3.60
C LYS A 31 8.38 10.68 4.16
N GLN A 32 8.91 10.49 5.36
CA GLN A 32 8.89 9.19 6.01
C GLN A 32 7.45 8.75 6.34
N LEU A 33 6.62 9.72 6.75
CA LEU A 33 5.24 9.45 7.16
C LEU A 33 4.43 8.84 6.01
N CYS A 34 4.54 9.45 4.81
CA CYS A 34 3.80 8.98 3.64
C CYS A 34 4.36 7.65 3.11
N ARG A 35 5.67 7.42 3.28
CA ARG A 35 6.27 6.16 2.80
C ARG A 35 5.62 4.98 3.52
N PHE A 36 5.57 5.06 4.86
CA PHE A 36 4.93 4.02 5.63
C PHE A 36 3.44 4.09 5.50
N ARG A 37 2.87 5.29 5.70
CA ARG A 37 1.40 5.47 5.66
C ARG A 37 0.79 4.90 4.39
N CYS A 38 1.41 5.19 3.26
CA CYS A 38 0.93 4.68 1.98
C CYS A 38 0.98 3.16 1.99
N GLN A 39 2.09 2.57 2.47
CA GLN A 39 2.22 1.10 2.49
C GLN A 39 1.31 0.42 3.55
N GLU A 40 1.25 0.99 4.75
CA GLU A 40 0.52 0.40 5.88
C GLU A 40 -0.97 0.70 5.87
N ARG A 41 -1.34 1.94 5.51
CA ARG A 41 -2.70 2.34 5.50
C ARG A 41 -3.43 1.72 4.32
N TYR A 42 -2.79 1.68 3.13
CA TYR A 42 -3.43 1.05 1.99
C TYR A 42 -3.63 -0.44 2.25
N LYS A 43 -2.59 -1.09 2.83
CA LYS A 43 -2.69 -2.52 3.19
C LYS A 43 -3.84 -2.76 4.19
N LYS A 44 -3.96 -1.84 5.13
CA LYS A 44 -4.99 -1.89 6.19
C LYS A 44 -6.40 -1.80 5.63
N GLU A 45 -6.58 -0.88 4.68
CA GLU A 45 -7.91 -0.63 4.08
C GLU A 45 -8.44 -1.88 3.40
N ARG A 46 -7.54 -2.65 2.78
CA ARG A 46 -7.93 -3.87 2.06
C ARG A 46 -8.58 -4.86 3.01
N GLY A 47 -8.07 -4.87 4.24
CA GLY A 47 -8.50 -5.83 5.23
C GLY A 47 -7.79 -7.18 5.03
N GLN A 48 -6.86 -7.25 4.04
CA GLN A 48 -6.14 -8.49 3.76
C GLN A 48 -5.02 -8.70 4.75
N HIS A 49 -4.71 -9.97 5.03
CA HIS A 49 -3.62 -10.31 5.95
C HIS A 49 -2.79 -11.45 5.37
N ASN A 50 -1.50 -11.52 5.75
CA ASN A 50 -0.60 -12.56 5.26
C ASN A 50 -1.00 -13.95 5.84
N TYR A 51 -0.43 -14.31 7.03
CA TYR A 51 -0.75 -15.59 7.68
C TYR A 51 -0.71 -16.76 6.66
N LYS A 52 -1.17 -17.95 7.07
CA LYS A 52 -1.20 -19.11 6.21
C LYS A 52 -2.62 -19.64 6.11
N ARG A 53 -3.22 -19.51 4.93
CA ARG A 53 -4.60 -19.94 4.72
C ARG A 53 -4.64 -21.31 4.06
N GLU A 54 -5.33 -22.26 4.72
CA GLU A 54 -5.43 -23.63 4.21
C GLU A 54 -6.85 -23.91 3.72
N ASP A 55 -6.97 -24.41 2.48
CA ASP A 55 -8.25 -24.75 1.89
C ASP A 55 -8.06 -25.72 0.73
N ASP A 56 -9.17 -26.31 0.28
CA ASP A 56 -9.14 -27.28 -0.83
C ASP A 56 -10.54 -27.88 -1.04
N GLY A 1 -9.65 0.75 -29.38
CA GLY A 1 -8.89 -0.40 -28.83
C GLY A 1 -8.12 0.02 -27.59
N VAL A 2 -8.75 0.85 -26.75
CA VAL A 2 -8.14 1.28 -25.48
C VAL A 2 -7.85 0.09 -24.56
N ASP A 3 -8.43 -1.07 -24.90
CA ASP A 3 -8.28 -2.25 -24.10
C ASP A 3 -6.81 -2.63 -23.96
N GLU A 4 -6.44 -3.04 -22.75
CA GLU A 4 -5.07 -3.42 -22.45
C GLU A 4 -5.01 -4.47 -21.31
N PRO A 5 -3.94 -5.28 -21.23
CA PRO A 5 -3.76 -6.30 -20.14
C PRO A 5 -3.51 -5.65 -18.80
N SER A 6 -3.71 -6.43 -17.74
CA SER A 6 -3.52 -5.93 -16.39
C SER A 6 -2.57 -6.82 -15.59
N THR A 7 -3.03 -8.03 -15.24
CA THR A 7 -2.24 -8.99 -14.47
C THR A 7 -1.66 -8.37 -13.18
N HIS A 8 -2.21 -7.23 -12.74
CA HIS A 8 -1.78 -6.57 -11.50
C HIS A 8 -2.98 -6.21 -10.63
N GLU A 9 -2.82 -6.37 -9.30
CA GLU A 9 -3.90 -6.11 -8.36
C GLU A 9 -4.19 -4.58 -8.25
N PRO A 10 -5.48 -4.15 -8.11
CA PRO A 10 -5.83 -2.69 -7.96
C PRO A 10 -5.17 -2.06 -6.72
N ALA A 11 -4.96 -2.89 -5.69
CA ALA A 11 -4.38 -2.42 -4.43
C ALA A 11 -2.99 -1.83 -4.63
N GLU A 12 -2.21 -2.46 -5.52
CA GLU A 12 -0.85 -2.00 -5.80
C GLU A 12 -0.86 -0.58 -6.36
N LYS A 13 -1.84 -0.30 -7.23
CA LYS A 13 -1.99 1.02 -7.85
C LYS A 13 -2.28 2.09 -6.82
N HIS A 14 -3.15 1.76 -5.85
CA HIS A 14 -3.51 2.72 -4.79
C HIS A 14 -2.26 3.10 -4.01
N LEU A 15 -1.44 2.10 -3.74
CA LEU A 15 -0.19 2.33 -3.08
C LEU A 15 0.70 3.17 -3.99
N SER A 16 0.65 2.84 -5.29
CA SER A 16 1.47 3.52 -6.28
C SER A 16 1.19 5.02 -6.36
N GLN A 17 -0.11 5.40 -6.38
CA GLN A 17 -0.43 6.83 -6.48
C GLN A 17 0.11 7.61 -5.29
N CYS A 18 0.03 7.02 -4.06
CA CYS A 18 0.61 7.70 -2.89
C CYS A 18 2.10 7.68 -2.96
N MET A 19 2.68 6.50 -2.78
CA MET A 19 4.13 6.34 -2.75
C MET A 19 4.80 7.11 -3.91
N ARG A 20 4.09 7.27 -5.05
CA ARG A 20 4.63 8.07 -6.17
C ARG A 20 4.83 9.50 -5.68
N GLN A 21 3.77 10.07 -5.08
CA GLN A 21 3.84 11.41 -4.53
C GLN A 21 4.78 11.47 -3.30
N CYS A 22 4.71 10.44 -2.45
CA CYS A 22 5.51 10.37 -1.21
C CYS A 22 7.00 10.38 -1.52
N GLU A 23 7.39 9.45 -2.36
CA GLU A 23 8.79 9.23 -2.73
C GLU A 23 9.35 10.42 -3.47
N ARG A 24 8.54 10.97 -4.37
CA ARG A 24 8.95 12.13 -5.17
C ARG A 24 9.24 13.34 -4.30
N GLN A 25 8.44 13.53 -3.25
CA GLN A 25 8.62 14.66 -2.34
C GLN A 25 9.61 14.29 -1.22
N GLU A 26 10.39 15.27 -0.79
CA GLU A 26 11.38 15.06 0.27
C GLU A 26 11.27 16.12 1.34
N GLY A 27 11.36 15.70 2.61
CA GLY A 27 11.25 16.63 3.73
C GLY A 27 11.34 15.88 5.06
N GLY A 28 11.05 16.59 6.15
CA GLY A 28 11.10 16.00 7.49
C GLY A 28 9.82 15.22 7.81
N GLN A 29 8.89 15.91 8.48
CA GLN A 29 7.63 15.29 8.92
C GLN A 29 6.77 14.82 7.74
N GLN A 30 6.73 15.64 6.67
CA GLN A 30 5.91 15.33 5.49
C GLN A 30 6.35 14.04 4.83
N LYS A 31 7.66 13.86 4.72
CA LYS A 31 8.21 12.67 4.08
C LYS A 31 7.80 11.40 4.84
N GLN A 32 7.96 11.45 6.16
CA GLN A 32 7.64 10.32 7.03
C GLN A 32 6.15 9.96 6.99
N LEU A 33 5.29 11.00 6.95
CA LEU A 33 3.84 10.80 6.98
C LEU A 33 3.38 9.99 5.77
N CYS A 34 3.83 10.38 4.58
CA CYS A 34 3.42 9.70 3.35
C CYS A 34 4.03 8.29 3.24
N ARG A 35 5.24 8.13 3.77
CA ARG A 35 5.95 6.85 3.67
C ARG A 35 5.20 5.72 4.37
N PHE A 36 4.84 5.95 5.64
CA PHE A 36 4.14 4.94 6.39
C PHE A 36 2.67 4.93 6.10
N ARG A 37 2.04 6.12 6.08
CA ARG A 37 0.59 6.20 5.88
C ARG A 37 0.17 5.39 4.67
N CYS A 38 0.82 5.62 3.53
CA CYS A 38 0.52 4.84 2.33
C CYS A 38 0.86 3.36 2.49
N GLN A 39 2.06 3.07 3.01
CA GLN A 39 2.50 1.67 3.11
C GLN A 39 1.56 0.83 4.01
N GLU A 40 1.23 1.34 5.21
CA GLU A 40 0.37 0.57 6.14
C GLU A 40 -1.11 0.69 5.85
N ARG A 41 -1.59 1.92 5.59
CA ARG A 41 -3.01 2.15 5.36
C ARG A 41 -3.49 1.36 4.15
N TYR A 42 -2.76 1.48 3.04
CA TYR A 42 -3.17 0.79 1.82
C TYR A 42 -2.95 -0.72 1.89
N LYS A 43 -1.78 -1.14 2.44
CA LYS A 43 -1.48 -2.58 2.56
C LYS A 43 -2.53 -3.26 3.44
N LYS A 44 -2.82 -2.62 4.56
CA LYS A 44 -3.83 -3.11 5.52
C LYS A 44 -5.21 -3.13 4.89
N GLU A 45 -5.51 -2.10 4.13
CA GLU A 45 -6.79 -1.96 3.46
C GLU A 45 -7.10 -3.20 2.60
N ARG A 46 -6.03 -3.81 2.06
CA ARG A 46 -6.17 -5.01 1.22
C ARG A 46 -6.83 -6.13 2.01
N GLY A 47 -6.50 -6.16 3.29
CA GLY A 47 -6.96 -7.21 4.18
C GLY A 47 -6.18 -8.51 3.95
N GLN A 48 -5.02 -8.41 3.25
CA GLN A 48 -4.19 -9.59 2.98
C GLN A 48 -3.59 -10.11 4.26
N HIS A 49 -3.41 -11.42 4.33
CA HIS A 49 -2.77 -12.05 5.48
C HIS A 49 -1.82 -13.17 5.03
N ASN A 50 -2.40 -14.24 4.48
CA ASN A 50 -1.61 -15.37 3.97
C ASN A 50 -2.50 -16.40 3.27
N TYR A 51 -2.31 -16.53 1.95
CA TYR A 51 -3.09 -17.50 1.15
C TYR A 51 -2.28 -18.76 0.79
N LYS A 52 -1.01 -18.79 1.22
CA LYS A 52 -0.13 -19.91 0.95
C LYS A 52 0.79 -20.11 2.14
N ARG A 53 1.14 -21.37 2.40
CA ARG A 53 2.02 -21.70 3.52
C ARG A 53 3.47 -21.38 3.15
N GLU A 54 4.15 -20.64 4.04
CA GLU A 54 5.55 -20.26 3.82
C GLU A 54 6.49 -20.99 4.77
N ASP A 55 7.62 -21.42 4.23
CA ASP A 55 8.64 -22.14 5.00
C ASP A 55 9.99 -21.43 4.98
N ASP A 56 9.96 -20.10 4.80
CA ASP A 56 11.17 -19.28 4.75
C ASP A 56 12.18 -19.67 5.84
N GLY A 1 -21.35 -10.07 -12.49
CA GLY A 1 -19.87 -9.90 -12.50
C GLY A 1 -19.22 -11.16 -11.97
N VAL A 2 -19.64 -12.30 -12.51
CA VAL A 2 -19.03 -13.59 -12.18
C VAL A 2 -17.55 -13.55 -12.58
N ASP A 3 -17.30 -12.90 -13.71
CA ASP A 3 -15.97 -12.75 -14.27
C ASP A 3 -15.21 -11.54 -13.66
N GLU A 4 -15.60 -11.15 -12.44
CA GLU A 4 -14.98 -10.01 -11.78
C GLU A 4 -13.45 -10.23 -11.58
N PRO A 5 -12.60 -9.18 -11.78
CA PRO A 5 -11.12 -9.31 -11.62
C PRO A 5 -10.69 -9.39 -10.17
N SER A 6 -9.48 -9.91 -9.97
CA SER A 6 -8.90 -10.02 -8.65
C SER A 6 -7.61 -9.22 -8.52
N THR A 7 -7.00 -8.89 -9.66
CA THR A 7 -5.75 -8.14 -9.67
C THR A 7 -5.93 -6.81 -10.39
N HIS A 8 -4.94 -5.92 -10.26
CA HIS A 8 -5.00 -4.60 -10.90
C HIS A 8 -6.25 -3.82 -10.41
N GLU A 9 -6.50 -3.90 -9.10
CA GLU A 9 -7.65 -3.22 -8.49
C GLU A 9 -7.43 -1.68 -8.48
N PRO A 10 -8.49 -0.86 -8.62
CA PRO A 10 -8.36 0.64 -8.61
C PRO A 10 -7.65 1.15 -7.37
N ALA A 11 -7.90 0.49 -6.24
CA ALA A 11 -7.31 0.88 -4.95
C ALA A 11 -5.79 0.82 -5.02
N GLU A 12 -5.27 -0.21 -5.69
CA GLU A 12 -3.82 -0.41 -5.80
C GLU A 12 -3.15 0.76 -6.53
N LYS A 13 -3.80 1.25 -7.60
CA LYS A 13 -3.25 2.37 -8.39
C LYS A 13 -3.18 3.65 -7.58
N HIS A 14 -4.22 3.90 -6.78
CA HIS A 14 -4.26 5.09 -5.94
C HIS A 14 -3.11 5.06 -4.95
N LEU A 15 -2.87 3.87 -4.39
CA LEU A 15 -1.76 3.69 -3.47
C LEU A 15 -0.42 3.72 -4.21
N SER A 16 -0.44 3.30 -5.50
CA SER A 16 0.79 3.30 -6.30
C SER A 16 1.34 4.71 -6.37
N GLN A 17 0.43 5.68 -6.52
CA GLN A 17 0.80 7.10 -6.50
C GLN A 17 1.37 7.44 -5.15
N CYS A 18 0.76 6.86 -4.09
CA CYS A 18 1.20 7.11 -2.71
C CYS A 18 2.70 6.85 -2.57
N MET A 19 3.09 5.57 -2.65
CA MET A 19 4.46 5.16 -2.48
C MET A 19 5.37 5.74 -3.54
N ARG A 20 4.87 5.85 -4.78
CA ARG A 20 5.69 6.41 -5.85
C ARG A 20 6.11 7.84 -5.50
N GLN A 21 5.12 8.66 -5.12
CA GLN A 21 5.39 10.05 -4.72
C GLN A 21 6.10 10.12 -3.37
N CYS A 22 5.64 9.27 -2.44
CA CYS A 22 6.13 9.25 -1.07
C CYS A 22 7.62 8.93 -1.02
N GLU A 23 7.95 7.82 -1.66
CA GLU A 23 9.33 7.32 -1.69
C GLU A 23 10.25 8.26 -2.46
N ARG A 24 9.74 8.76 -3.58
CA ARG A 24 10.53 9.67 -4.45
C ARG A 24 10.83 11.00 -3.75
N GLN A 25 9.85 11.52 -3.00
CA GLN A 25 10.01 12.78 -2.30
C GLN A 25 10.75 12.62 -0.98
N GLU A 26 11.59 13.61 -0.66
CA GLU A 26 12.38 13.60 0.57
C GLU A 26 12.01 14.78 1.48
N GLY A 27 10.71 15.09 1.52
CA GLY A 27 10.19 16.20 2.33
C GLY A 27 10.19 15.84 3.81
N GLY A 28 9.74 16.80 4.64
CA GLY A 28 9.71 16.62 6.10
C GLY A 28 8.35 16.10 6.56
N GLN A 29 7.44 17.04 6.85
CA GLN A 29 6.10 16.68 7.33
C GLN A 29 5.36 15.84 6.29
N GLN A 30 5.50 16.21 5.01
CA GLN A 30 4.84 15.50 3.92
C GLN A 30 5.33 14.06 3.83
N LYS A 31 6.63 13.86 4.02
CA LYS A 31 7.22 12.54 3.96
C LYS A 31 6.63 11.61 5.01
N GLN A 32 6.50 12.10 6.25
CA GLN A 32 5.95 11.30 7.35
C GLN A 32 4.49 10.92 7.08
N LEU A 33 3.73 11.87 6.54
CA LEU A 33 2.31 11.63 6.25
C LEU A 33 2.15 10.51 5.23
N CYS A 34 2.95 10.57 4.16
CA CYS A 34 2.91 9.55 3.11
C CYS A 34 3.53 8.23 3.58
N ARG A 35 4.49 8.31 4.52
CA ARG A 35 5.20 7.14 5.00
C ARG A 35 4.23 6.16 5.67
N PHE A 36 3.40 6.65 6.60
CA PHE A 36 2.46 5.77 7.31
C PHE A 36 1.12 5.68 6.61
N ARG A 37 0.63 6.79 6.06
CA ARG A 37 -0.68 6.76 5.41
C ARG A 37 -0.68 5.74 4.27
N CYS A 38 0.39 5.78 3.48
CA CYS A 38 0.55 4.85 2.34
C CYS A 38 0.94 3.45 2.79
N GLN A 39 1.98 3.35 3.65
CA GLN A 39 2.46 2.04 4.11
C GLN A 39 1.40 1.27 4.89
N GLU A 40 0.69 1.97 5.78
CA GLU A 40 -0.34 1.34 6.63
C GLU A 40 -1.50 0.88 5.79
N ARG A 41 -1.90 1.72 4.84
CA ARG A 41 -2.93 1.33 3.89
C ARG A 41 -2.42 0.22 2.99
N TYR A 42 -1.12 0.25 2.70
CA TYR A 42 -0.49 -0.78 1.88
C TYR A 42 -0.58 -2.14 2.57
N LYS A 43 -0.34 -2.15 3.89
CA LYS A 43 -0.46 -3.39 4.69
C LYS A 43 -1.88 -3.92 4.65
N LYS A 44 -2.83 -3.00 4.70
CA LYS A 44 -4.27 -3.33 4.72
C LYS A 44 -4.70 -4.04 3.43
N GLU A 45 -4.32 -3.45 2.30
CA GLU A 45 -4.68 -3.99 0.98
C GLU A 45 -4.08 -5.39 0.79
N ARG A 46 -2.84 -5.54 1.23
CA ARG A 46 -2.12 -6.82 1.15
C ARG A 46 -2.81 -7.86 2.00
N GLY A 47 -3.33 -7.40 3.12
CA GLY A 47 -3.92 -8.25 4.11
C GLY A 47 -2.84 -8.89 4.99
N GLN A 48 -1.58 -8.39 4.88
CA GLN A 48 -0.49 -8.91 5.69
C GLN A 48 -0.67 -8.52 7.13
N HIS A 49 -0.22 -9.40 8.03
CA HIS A 49 -0.32 -9.15 9.45
C HIS A 49 0.71 -9.95 10.23
N ASN A 50 0.89 -9.61 11.52
CA ASN A 50 1.87 -10.29 12.38
C ASN A 50 1.35 -11.64 12.92
N TYR A 51 0.09 -12.00 12.57
CA TYR A 51 -0.50 -13.27 13.00
C TYR A 51 -0.07 -14.41 12.08
N LYS A 52 -0.01 -15.63 12.63
CA LYS A 52 0.39 -16.81 11.86
C LYS A 52 -0.84 -17.57 11.32
N ARG A 53 -2.05 -17.01 11.54
CA ARG A 53 -3.28 -17.65 11.11
C ARG A 53 -3.32 -17.81 9.59
N GLU A 54 -2.85 -16.77 8.86
CA GLU A 54 -2.85 -16.80 7.40
C GLU A 54 -1.48 -17.18 6.85
N ASP A 55 -1.49 -18.14 5.92
CA ASP A 55 -0.27 -18.59 5.25
C ASP A 55 0.28 -17.50 4.34
N ASP A 56 -0.63 -16.82 3.66
CA ASP A 56 -0.27 -15.78 2.70
C ASP A 56 -1.45 -14.82 2.51
N GLY A 1 2.36 -24.16 -14.11
CA GLY A 1 2.01 -22.84 -13.52
C GLY A 1 2.56 -22.74 -12.10
N VAL A 2 1.92 -21.90 -11.29
CA VAL A 2 2.34 -21.70 -9.88
C VAL A 2 3.86 -21.40 -9.81
N ASP A 3 4.43 -20.90 -10.92
CA ASP A 3 5.85 -20.58 -10.98
C ASP A 3 6.15 -19.27 -10.25
N GLU A 4 7.43 -19.02 -9.99
CA GLU A 4 7.85 -17.81 -9.29
C GLU A 4 7.44 -16.54 -10.09
N PRO A 5 6.69 -15.57 -9.51
CA PRO A 5 6.24 -14.34 -10.23
C PRO A 5 7.36 -13.36 -10.47
N SER A 6 7.17 -12.52 -11.48
CA SER A 6 8.14 -11.48 -11.83
C SER A 6 7.49 -10.11 -11.90
N THR A 7 6.22 -10.08 -12.32
CA THR A 7 5.49 -8.83 -12.44
C THR A 7 5.14 -8.28 -11.05
N HIS A 8 5.31 -6.96 -10.88
CA HIS A 8 5.03 -6.30 -9.60
C HIS A 8 3.55 -6.45 -9.24
N GLU A 9 3.27 -6.65 -7.95
CA GLU A 9 1.90 -6.83 -7.47
C GLU A 9 1.10 -5.50 -7.56
N PRO A 10 -0.23 -5.56 -7.81
CA PRO A 10 -1.08 -4.31 -7.89
C PRO A 10 -0.98 -3.48 -6.60
N ALA A 11 -0.79 -4.15 -5.47
CA ALA A 11 -0.71 -3.49 -4.17
C ALA A 11 0.42 -2.48 -4.15
N GLU A 12 1.56 -2.85 -4.76
CA GLU A 12 2.72 -1.94 -4.82
C GLU A 12 2.36 -0.68 -5.59
N LYS A 13 1.58 -0.84 -6.66
CA LYS A 13 1.16 0.27 -7.51
C LYS A 13 0.28 1.24 -6.72
N HIS A 14 -0.59 0.69 -5.87
CA HIS A 14 -1.44 1.52 -5.02
C HIS A 14 -0.55 2.36 -4.11
N LEU A 15 0.52 1.73 -3.61
CA LEU A 15 1.50 2.43 -2.81
C LEU A 15 2.10 3.57 -3.60
N SER A 16 2.36 3.30 -4.88
CA SER A 16 2.93 4.29 -5.77
C SER A 16 2.02 5.50 -5.92
N GLN A 17 0.69 5.26 -5.92
CA GLN A 17 -0.28 6.35 -6.08
C GLN A 17 -0.08 7.37 -4.97
N CYS A 18 0.01 6.86 -3.73
CA CYS A 18 0.19 7.74 -2.59
C CYS A 18 1.57 8.35 -2.61
N MET A 19 2.60 7.50 -2.46
CA MET A 19 3.99 7.94 -2.43
C MET A 19 4.30 8.88 -3.59
N ARG A 20 3.63 8.71 -4.73
CA ARG A 20 3.82 9.63 -5.87
C ARG A 20 3.41 11.02 -5.42
N GLN A 21 2.22 11.11 -4.82
CA GLN A 21 1.71 12.38 -4.29
C GLN A 21 2.55 12.86 -3.08
N CYS A 22 2.91 11.91 -2.21
CA CYS A 22 3.64 12.21 -0.99
C CYS A 22 5.04 12.77 -1.28
N GLU A 23 5.76 12.05 -2.11
CA GLU A 23 7.13 12.39 -2.47
C GLU A 23 7.18 13.69 -3.24
N ARG A 24 6.24 13.85 -4.17
CA ARG A 24 6.20 15.04 -5.03
C ARG A 24 5.97 16.31 -4.21
N GLN A 25 5.09 16.23 -3.21
CA GLN A 25 4.78 17.36 -2.37
C GLN A 25 5.48 17.24 -1.03
N GLU A 26 6.22 18.29 -0.66
CA GLU A 26 6.87 18.36 0.65
C GLU A 26 7.88 17.20 0.85
N GLY A 27 8.81 17.07 -0.09
CA GLY A 27 9.83 16.00 -0.01
C GLY A 27 10.66 16.13 1.27
N GLY A 28 11.01 15.00 1.85
CA GLY A 28 11.76 14.95 3.11
C GLY A 28 11.45 13.66 3.86
N GLN A 29 11.54 13.71 5.19
CA GLN A 29 11.23 12.53 6.03
C GLN A 29 9.82 11.97 5.74
N GLN A 30 8.96 12.80 5.13
CA GLN A 30 7.60 12.41 4.79
C GLN A 30 7.58 11.26 3.83
N LYS A 31 8.52 11.23 2.88
CA LYS A 31 8.54 10.16 1.87
C LYS A 31 8.48 8.78 2.54
N GLN A 32 9.25 8.61 3.63
CA GLN A 32 9.22 7.36 4.39
C GLN A 32 7.86 7.21 5.08
N LEU A 33 7.33 8.33 5.60
CA LEU A 33 6.09 8.32 6.33
C LEU A 33 4.95 7.80 5.46
N CYS A 34 4.84 8.31 4.21
CA CYS A 34 3.77 7.86 3.31
C CYS A 34 4.04 6.47 2.76
N ARG A 35 5.32 6.05 2.75
CA ARG A 35 5.68 4.74 2.25
C ARG A 35 4.96 3.68 3.06
N PHE A 36 5.04 3.81 4.39
CA PHE A 36 4.34 2.87 5.28
C PHE A 36 2.91 3.32 5.55
N ARG A 37 2.67 4.64 5.61
CA ARG A 37 1.31 5.12 5.87
C ARG A 37 0.38 4.62 4.79
N CYS A 38 0.77 4.82 3.52
CA CYS A 38 -0.03 4.35 2.39
C CYS A 38 -0.12 2.82 2.32
N GLN A 39 1.01 2.12 2.35
CA GLN A 39 0.99 0.66 2.22
C GLN A 39 0.20 0.01 3.38
N GLU A 40 0.42 0.49 4.59
CA GLU A 40 -0.20 -0.10 5.80
C GLU A 40 -1.65 0.32 5.95
N ARG A 41 -1.86 1.64 5.96
CA ARG A 41 -3.19 2.19 6.19
C ARG A 41 -4.15 1.75 5.12
N TYR A 42 -3.70 1.82 3.86
CA TYR A 42 -4.59 1.43 2.75
C TYR A 42 -4.87 -0.08 2.75
N LYS A 43 -3.84 -0.88 3.06
CA LYS A 43 -4.01 -2.34 3.16
C LYS A 43 -5.01 -2.69 4.27
N LYS A 44 -4.89 -1.97 5.38
CA LYS A 44 -5.72 -2.20 6.58
C LYS A 44 -7.21 -1.96 6.31
N GLU A 45 -7.50 -0.81 5.70
CA GLU A 45 -8.89 -0.43 5.42
C GLU A 45 -9.56 -1.42 4.48
N ARG A 46 -8.80 -1.87 3.48
CA ARG A 46 -9.29 -2.85 2.49
C ARG A 46 -9.61 -4.16 3.15
N GLY A 47 -8.82 -4.49 4.16
CA GLY A 47 -8.88 -5.77 4.81
C GLY A 47 -8.09 -6.84 4.01
N GLN A 48 -7.43 -6.39 2.90
CA GLN A 48 -6.64 -7.28 2.07
C GLN A 48 -5.28 -7.53 2.69
N HIS A 49 -4.74 -8.71 2.47
CA HIS A 49 -3.39 -9.04 2.96
C HIS A 49 -2.45 -9.32 1.80
N ASN A 50 -2.97 -10.04 0.78
CA ASN A 50 -2.19 -10.36 -0.42
C ASN A 50 -3.10 -10.38 -1.63
N TYR A 51 -2.65 -9.74 -2.72
CA TYR A 51 -3.43 -9.69 -3.96
C TYR A 51 -2.50 -9.88 -5.15
N LYS A 52 -2.80 -10.89 -5.97
CA LYS A 52 -1.95 -11.20 -7.13
C LYS A 52 -2.79 -11.70 -8.31
N ARG A 53 -3.59 -10.80 -8.89
CA ARG A 53 -4.45 -11.14 -10.03
C ARG A 53 -3.60 -11.38 -11.28
N GLU A 54 -4.17 -12.13 -12.23
CA GLU A 54 -3.48 -12.44 -13.48
C GLU A 54 -3.14 -11.16 -14.23
N ASP A 55 -1.88 -11.04 -14.67
CA ASP A 55 -1.42 -9.86 -15.41
C ASP A 55 -0.88 -10.26 -16.78
N ASP A 56 -0.69 -9.25 -17.64
CA ASP A 56 -0.17 -9.47 -18.99
C ASP A 56 0.00 -8.14 -19.74
N GLY A 1 -15.38 -7.95 -4.55
CA GLY A 1 -14.17 -8.80 -4.42
C GLY A 1 -14.34 -9.78 -3.27
N VAL A 2 -15.54 -10.34 -3.15
CA VAL A 2 -15.84 -11.34 -2.13
C VAL A 2 -14.94 -12.56 -2.35
N ASP A 3 -14.77 -12.92 -3.62
CA ASP A 3 -13.94 -14.05 -4.00
C ASP A 3 -12.47 -13.88 -3.59
N GLU A 4 -12.07 -12.64 -3.38
CA GLU A 4 -10.69 -12.33 -2.98
C GLU A 4 -9.68 -12.94 -4.00
N PRO A 5 -9.66 -12.46 -5.27
CA PRO A 5 -8.74 -13.00 -6.32
C PRO A 5 -7.31 -12.61 -6.09
N SER A 6 -6.42 -13.31 -6.77
CA SER A 6 -5.00 -13.07 -6.65
C SER A 6 -4.43 -12.23 -7.80
N THR A 7 -5.29 -11.85 -8.76
CA THR A 7 -4.83 -11.08 -9.91
C THR A 7 -4.52 -9.65 -9.50
N HIS A 8 -3.85 -8.89 -10.38
CA HIS A 8 -3.47 -7.51 -10.08
C HIS A 8 -4.70 -6.70 -9.67
N GLU A 9 -4.74 -6.33 -8.39
CA GLU A 9 -5.88 -5.57 -7.83
C GLU A 9 -5.67 -4.05 -8.03
N PRO A 10 -6.76 -3.25 -8.14
CA PRO A 10 -6.66 -1.75 -8.27
C PRO A 10 -5.94 -1.12 -7.07
N ALA A 11 -5.95 -1.83 -5.93
CA ALA A 11 -5.35 -1.34 -4.69
C ALA A 11 -3.86 -1.06 -4.86
N GLU A 12 -3.18 -1.92 -5.64
CA GLU A 12 -1.74 -1.75 -5.87
C GLU A 12 -1.45 -0.42 -6.53
N LYS A 13 -2.31 -0.02 -7.48
CA LYS A 13 -2.18 1.27 -8.15
C LYS A 13 -2.38 2.41 -7.17
N HIS A 14 -3.34 2.23 -6.26
CA HIS A 14 -3.61 3.26 -5.24
C HIS A 14 -2.37 3.47 -4.40
N LEU A 15 -1.69 2.37 -4.09
CA LEU A 15 -0.43 2.43 -3.37
C LEU A 15 0.62 3.10 -4.26
N SER A 16 0.58 2.77 -5.56
CA SER A 16 1.56 3.29 -6.50
C SER A 16 1.53 4.81 -6.56
N GLN A 17 0.32 5.40 -6.60
CA GLN A 17 0.21 6.86 -6.61
C GLN A 17 0.71 7.46 -5.29
N CYS A 18 0.54 6.70 -4.18
CA CYS A 18 0.95 7.17 -2.85
C CYS A 18 2.47 7.21 -2.74
N MET A 19 3.12 6.06 -2.95
CA MET A 19 4.55 5.95 -2.84
C MET A 19 5.29 6.84 -3.83
N ARG A 20 4.76 6.99 -5.05
CA ARG A 20 5.42 7.84 -6.06
C ARG A 20 5.50 9.26 -5.55
N GLN A 21 4.35 9.79 -5.09
CA GLN A 21 4.32 11.16 -4.54
C GLN A 21 5.01 11.23 -3.17
N CYS A 22 4.89 10.15 -2.40
CA CYS A 22 5.50 10.05 -1.07
C CYS A 22 7.00 10.21 -1.16
N GLU A 23 7.56 9.38 -2.02
CA GLU A 23 9.00 9.32 -2.23
C GLU A 23 9.49 10.58 -2.95
N ARG A 24 8.69 11.04 -3.93
CA ARG A 24 9.08 12.21 -4.73
C ARG A 24 9.21 13.47 -3.86
N GLN A 25 8.28 13.64 -2.91
CA GLN A 25 8.29 14.80 -2.03
C GLN A 25 9.51 14.79 -1.12
N GLU A 26 10.10 15.97 -0.96
CA GLU A 26 11.33 16.12 -0.18
C GLU A 26 11.09 16.72 1.22
N GLY A 27 9.82 16.99 1.56
CA GLY A 27 9.50 17.57 2.87
C GLY A 27 9.93 16.62 3.98
N GLY A 28 10.56 17.17 5.02
CA GLY A 28 11.04 16.36 6.14
C GLY A 28 9.90 15.64 6.83
N GLN A 29 8.81 16.37 7.08
CA GLN A 29 7.61 15.78 7.72
C GLN A 29 6.73 15.05 6.71
N GLN A 30 6.71 15.56 5.46
CA GLN A 30 5.88 14.98 4.39
C GLN A 30 6.32 13.57 4.05
N LYS A 31 7.63 13.34 4.01
CA LYS A 31 8.14 12.03 3.67
C LYS A 31 7.70 10.99 4.70
N GLN A 32 7.74 11.36 5.98
CA GLN A 32 7.33 10.45 7.05
C GLN A 32 5.81 10.21 7.04
N LEU A 33 5.04 11.29 6.81
CA LEU A 33 3.58 11.19 6.82
C LEU A 33 3.08 10.25 5.73
N CYS A 34 3.67 10.37 4.55
CA CYS A 34 3.32 9.52 3.41
C CYS A 34 3.91 8.12 3.55
N ARG A 35 5.05 8.01 4.28
CA ARG A 35 5.73 6.72 4.45
C ARG A 35 4.82 5.71 5.14
N PHE A 36 4.28 6.11 6.31
CA PHE A 36 3.43 5.19 7.06
C PHE A 36 1.97 5.22 6.56
N ARG A 37 1.49 6.40 6.17
CA ARG A 37 0.12 6.54 5.70
C ARG A 37 -0.12 5.64 4.48
N CYS A 38 0.80 5.69 3.52
CA CYS A 38 0.69 4.88 2.30
C CYS A 38 0.98 3.41 2.57
N GLN A 39 2.16 3.13 3.13
CA GLN A 39 2.58 1.74 3.35
C GLN A 39 1.65 0.98 4.29
N GLU A 40 1.19 1.65 5.35
CA GLU A 40 0.36 0.98 6.40
C GLU A 40 -1.07 0.90 6.00
N ARG A 41 -1.63 2.03 5.54
CA ARG A 41 -3.04 2.05 5.13
C ARG A 41 -3.26 1.12 3.97
N TYR A 42 -2.29 1.10 3.05
CA TYR A 42 -2.41 0.20 1.89
C TYR A 42 -2.17 -1.26 2.28
N LYS A 43 -1.31 -1.49 3.29
CA LYS A 43 -1.03 -2.85 3.76
C LYS A 43 -2.32 -3.54 4.24
N LYS A 44 -3.08 -2.82 5.06
CA LYS A 44 -4.34 -3.30 5.61
C LYS A 44 -5.44 -3.39 4.57
N GLU A 45 -5.39 -2.49 3.59
CA GLU A 45 -6.38 -2.45 2.51
C GLU A 45 -6.39 -3.79 1.76
N ARG A 46 -5.20 -4.38 1.61
CA ARG A 46 -5.04 -5.66 0.90
C ARG A 46 -5.85 -6.73 1.59
N GLY A 47 -5.89 -6.64 2.92
CA GLY A 47 -6.50 -7.65 3.75
C GLY A 47 -5.52 -8.82 4.00
N GLN A 48 -4.27 -8.70 3.50
CA GLN A 48 -3.27 -9.74 3.67
C GLN A 48 -2.78 -9.77 5.10
N HIS A 49 -2.37 -10.96 5.56
CA HIS A 49 -1.85 -11.12 6.92
C HIS A 49 -0.40 -11.66 6.92
N ASN A 50 0.07 -12.17 5.77
CA ASN A 50 1.43 -12.70 5.65
C ASN A 50 2.37 -11.61 5.15
N TYR A 51 3.66 -11.77 5.47
CA TYR A 51 4.67 -10.78 5.09
C TYR A 51 5.64 -11.34 4.05
N LYS A 52 5.95 -10.51 3.06
CA LYS A 52 6.88 -10.85 1.95
C LYS A 52 6.22 -11.79 0.93
N ARG A 53 4.89 -11.96 1.05
CA ARG A 53 4.11 -12.80 0.13
C ARG A 53 4.80 -14.16 -0.14
N GLU A 54 5.69 -14.59 0.77
CA GLU A 54 6.40 -15.87 0.62
C GLU A 54 7.02 -16.00 -0.78
N ASP A 55 7.66 -17.15 -1.04
CA ASP A 55 8.29 -17.41 -2.33
C ASP A 55 9.26 -16.28 -2.71
N ASP A 56 10.11 -15.92 -1.77
CA ASP A 56 11.08 -14.87 -1.96
C ASP A 56 12.19 -15.31 -2.92
N GLY A 1 -6.60 -20.68 1.43
CA GLY A 1 -7.02 -19.94 0.21
C GLY A 1 -5.94 -18.94 -0.20
N VAL A 2 -4.68 -19.37 -0.09
CA VAL A 2 -3.54 -18.52 -0.52
C VAL A 2 -3.61 -18.19 -2.02
N ASP A 3 -4.45 -18.94 -2.74
CA ASP A 3 -4.61 -18.77 -4.18
C ASP A 3 -5.75 -17.78 -4.51
N GLU A 4 -6.00 -16.85 -3.59
CA GLU A 4 -7.06 -15.86 -3.76
C GLU A 4 -6.84 -15.04 -5.07
N PRO A 5 -7.81 -15.01 -6.02
CA PRO A 5 -7.66 -14.26 -7.31
C PRO A 5 -7.48 -12.78 -7.12
N SER A 6 -8.15 -12.25 -6.11
CA SER A 6 -8.10 -10.84 -5.80
C SER A 6 -8.72 -10.00 -6.90
N THR A 7 -8.85 -8.69 -6.63
CA THR A 7 -9.41 -7.76 -7.59
C THR A 7 -8.51 -6.52 -7.75
N HIS A 8 -8.32 -6.11 -9.01
CA HIS A 8 -7.48 -4.94 -9.33
C HIS A 8 -8.30 -3.64 -9.25
N GLU A 9 -8.77 -3.31 -8.04
CA GLU A 9 -9.59 -2.12 -7.82
C GLU A 9 -8.75 -0.81 -7.97
N PRO A 10 -9.41 0.36 -8.16
CA PRO A 10 -8.70 1.68 -8.33
C PRO A 10 -7.77 2.01 -7.14
N ALA A 11 -8.05 1.39 -5.98
CA ALA A 11 -7.27 1.61 -4.78
C ALA A 11 -5.80 1.26 -5.00
N GLU A 12 -5.55 0.17 -5.76
CA GLU A 12 -4.19 -0.26 -6.06
C GLU A 12 -3.43 0.82 -6.81
N LYS A 13 -4.11 1.44 -7.76
CA LYS A 13 -3.51 2.50 -8.59
C LYS A 13 -3.31 3.77 -7.79
N HIS A 14 -4.30 4.09 -6.94
CA HIS A 14 -4.20 5.26 -6.07
C HIS A 14 -3.01 5.09 -5.15
N LEU A 15 -2.85 3.88 -4.63
CA LEU A 15 -1.75 3.58 -3.76
C LEU A 15 -0.42 3.50 -4.53
N SER A 16 -0.49 3.09 -5.82
CA SER A 16 0.73 2.95 -6.62
C SER A 16 1.45 4.29 -6.71
N GLN A 17 0.67 5.38 -6.84
CA GLN A 17 1.27 6.71 -6.83
C GLN A 17 1.67 7.13 -5.41
N CYS A 18 1.01 6.55 -4.36
CA CYS A 18 1.38 6.88 -2.96
C CYS A 18 2.86 6.64 -2.74
N MET A 19 3.25 5.36 -2.82
CA MET A 19 4.61 4.94 -2.57
C MET A 19 5.58 5.55 -3.56
N ARG A 20 5.15 5.69 -4.82
CA ARG A 20 6.03 6.27 -5.83
C ARG A 20 6.44 7.70 -5.41
N GLN A 21 5.44 8.52 -5.11
CA GLN A 21 5.67 9.91 -4.67
C GLN A 21 6.28 9.95 -3.27
N CYS A 22 5.76 9.08 -2.39
CA CYS A 22 6.17 9.03 -0.98
C CYS A 22 7.64 8.69 -0.84
N GLU A 23 8.01 7.61 -1.47
CA GLU A 23 9.37 7.07 -1.38
C GLU A 23 10.37 8.03 -2.00
N ARG A 24 10.01 8.56 -3.16
CA ARG A 24 10.90 9.49 -3.90
C ARG A 24 10.99 10.87 -3.24
N GLN A 25 9.87 11.37 -2.69
CA GLN A 25 9.84 12.70 -2.08
C GLN A 25 10.83 12.84 -0.92
N GLU A 26 11.21 14.09 -0.64
CA GLU A 26 12.10 14.38 0.48
C GLU A 26 11.54 15.54 1.30
N GLY A 27 11.48 15.36 2.63
CA GLY A 27 10.94 16.39 3.52
C GLY A 27 10.73 15.85 4.92
N GLY A 28 10.02 16.63 5.75
CA GLY A 28 9.73 16.25 7.13
C GLY A 28 8.28 15.86 7.33
N GLN A 29 7.41 16.87 7.48
CA GLN A 29 5.98 16.64 7.71
C GLN A 29 5.32 15.91 6.54
N GLN A 30 5.68 16.32 5.33
CA GLN A 30 5.11 15.72 4.12
C GLN A 30 5.48 14.25 4.00
N LYS A 31 6.73 13.94 4.34
CA LYS A 31 7.22 12.57 4.28
C LYS A 31 6.42 11.66 5.21
N GLN A 32 6.17 12.15 6.43
CA GLN A 32 5.43 11.38 7.44
C GLN A 32 4.00 11.09 6.97
N LEU A 33 3.38 12.07 6.32
CA LEU A 33 2.00 11.92 5.85
C LEU A 33 1.89 10.79 4.85
N CYS A 34 2.88 10.70 3.95
CA CYS A 34 2.92 9.63 2.95
C CYS A 34 3.43 8.31 3.57
N ARG A 35 4.27 8.42 4.62
CA ARG A 35 4.86 7.24 5.23
C ARG A 35 3.78 6.31 5.77
N PHE A 36 2.84 6.86 6.55
CA PHE A 36 1.77 6.04 7.14
C PHE A 36 0.58 5.89 6.20
N ARG A 37 0.21 6.96 5.50
CA ARG A 37 -0.95 6.90 4.61
C ARG A 37 -0.76 5.79 3.57
N CYS A 38 0.42 5.78 2.97
CA CYS A 38 0.76 4.80 1.94
C CYS A 38 1.08 3.42 2.54
N GLN A 39 2.00 3.37 3.53
CA GLN A 39 2.41 2.08 4.14
C GLN A 39 1.25 1.37 4.82
N GLU A 40 0.42 2.12 5.55
CA GLU A 40 -0.69 1.52 6.30
C GLU A 40 -1.74 1.00 5.37
N ARG A 41 -2.04 1.79 4.34
CA ARG A 41 -2.97 1.37 3.30
C ARG A 41 -2.42 0.16 2.58
N TYR A 42 -1.11 0.19 2.35
CA TYR A 42 -0.42 -0.90 1.67
C TYR A 42 -0.41 -2.19 2.52
N LYS A 43 -0.22 -2.05 3.83
CA LYS A 43 -0.19 -3.19 4.76
C LYS A 43 -1.53 -3.94 4.72
N LYS A 44 -2.60 -3.17 4.70
CA LYS A 44 -3.97 -3.70 4.69
C LYS A 44 -4.25 -4.51 3.43
N GLU A 45 -3.81 -3.96 2.30
CA GLU A 45 -4.06 -4.58 0.99
C GLU A 45 -3.43 -5.97 0.93
N ARG A 46 -2.22 -6.09 1.50
CA ARG A 46 -1.52 -7.39 1.55
C ARG A 46 -2.29 -8.38 2.38
N GLY A 47 -2.91 -7.85 3.44
CA GLY A 47 -3.53 -8.67 4.45
C GLY A 47 -2.46 -9.17 5.45
N GLN A 48 -1.21 -8.68 5.31
CA GLN A 48 -0.10 -9.07 6.17
C GLN A 48 -0.11 -8.27 7.46
N HIS A 49 0.45 -8.86 8.53
CA HIS A 49 0.55 -8.18 9.81
C HIS A 49 1.70 -8.78 10.64
N ASN A 50 2.41 -7.92 11.37
CA ASN A 50 3.55 -8.37 12.19
C ASN A 50 3.16 -8.55 13.67
N TYR A 51 1.87 -8.80 13.93
CA TYR A 51 1.37 -9.01 15.29
C TYR A 51 0.83 -10.44 15.41
N LYS A 52 1.49 -11.26 16.24
CA LYS A 52 1.13 -12.68 16.39
C LYS A 52 0.18 -12.93 17.55
N ARG A 53 -0.03 -11.92 18.41
CA ARG A 53 -0.90 -12.07 19.58
C ARG A 53 -0.55 -13.34 20.37
N GLU A 54 -1.36 -13.68 21.39
CA GLU A 54 -1.14 -14.87 22.21
C GLU A 54 -2.31 -15.84 22.12
N ASP A 55 -1.98 -17.13 22.18
CA ASP A 55 -3.01 -18.19 22.11
C ASP A 55 -3.36 -18.75 23.50
N ASP A 56 -2.93 -18.05 24.55
CA ASP A 56 -3.22 -18.47 25.92
C ASP A 56 -4.72 -18.63 26.11
N GLY A 1 -9.48 -5.45 -12.54
CA GLY A 1 -8.94 -6.84 -12.73
C GLY A 1 -9.42 -7.72 -11.59
N VAL A 2 -10.73 -7.67 -11.31
CA VAL A 2 -11.33 -8.50 -10.24
C VAL A 2 -11.79 -9.86 -10.80
N ASP A 3 -11.18 -10.28 -11.92
CA ASP A 3 -11.53 -11.54 -12.55
C ASP A 3 -10.84 -12.70 -11.84
N GLU A 4 -11.22 -13.94 -12.21
CA GLU A 4 -10.64 -15.13 -11.60
C GLU A 4 -9.09 -15.16 -11.74
N PRO A 5 -8.54 -15.00 -12.97
CA PRO A 5 -7.05 -14.93 -13.17
C PRO A 5 -6.48 -13.62 -12.62
N SER A 6 -5.15 -13.60 -12.43
CA SER A 6 -4.51 -12.42 -11.88
C SER A 6 -3.09 -12.24 -12.41
N THR A 7 -2.59 -11.02 -12.30
CA THR A 7 -1.24 -10.68 -12.75
C THR A 7 -0.64 -9.58 -11.87
N HIS A 8 -1.46 -8.56 -11.60
CA HIS A 8 -1.05 -7.44 -10.74
C HIS A 8 -2.26 -6.92 -9.96
N GLU A 9 -2.14 -6.90 -8.63
CA GLU A 9 -3.24 -6.49 -7.76
C GLU A 9 -3.54 -4.95 -7.88
N PRO A 10 -4.83 -4.52 -7.86
CA PRO A 10 -5.20 -3.06 -7.92
C PRO A 10 -4.59 -2.26 -6.77
N ALA A 11 -4.46 -2.91 -5.62
CA ALA A 11 -3.93 -2.28 -4.42
C ALA A 11 -2.51 -1.76 -4.64
N GLU A 12 -1.71 -2.53 -5.38
CA GLU A 12 -0.33 -2.14 -5.67
C GLU A 12 -0.29 -0.82 -6.41
N LYS A 13 -1.21 -0.64 -7.37
CA LYS A 13 -1.30 0.60 -8.14
C LYS A 13 -1.69 1.77 -7.24
N HIS A 14 -2.62 1.51 -6.32
CA HIS A 14 -3.09 2.54 -5.38
C HIS A 14 -1.91 2.99 -4.53
N LEU A 15 -1.09 2.03 -4.13
CA LEU A 15 0.12 2.32 -3.39
C LEU A 15 1.12 3.04 -4.28
N SER A 16 1.19 2.60 -5.53
CA SER A 16 2.12 3.14 -6.50
C SER A 16 1.89 4.63 -6.69
N GLN A 17 0.61 5.02 -6.78
CA GLN A 17 0.27 6.44 -6.91
C GLN A 17 0.49 7.19 -5.60
N CYS A 18 0.31 6.48 -4.45
CA CYS A 18 0.54 7.10 -3.15
C CYS A 18 2.00 7.37 -2.96
N MET A 19 2.77 6.31 -2.82
CA MET A 19 4.19 6.40 -2.57
C MET A 19 4.87 7.37 -3.53
N ARG A 20 4.42 7.37 -4.79
CA ARG A 20 5.03 8.24 -5.78
C ARG A 20 4.88 9.72 -5.41
N GLN A 21 3.63 10.21 -5.35
CA GLN A 21 3.38 11.63 -5.00
C GLN A 21 3.65 11.93 -3.52
N CYS A 22 3.25 11.00 -2.67
CA CYS A 22 3.33 11.14 -1.24
C CYS A 22 4.79 11.22 -0.76
N GLU A 23 5.65 10.34 -1.27
CA GLU A 23 7.10 10.38 -0.92
C GLU A 23 7.78 11.58 -1.58
N ARG A 24 7.39 11.87 -2.81
CA ARG A 24 8.01 12.95 -3.59
C ARG A 24 7.90 14.29 -2.89
N GLN A 25 6.83 14.49 -2.08
CA GLN A 25 6.63 15.76 -1.36
C GLN A 25 7.92 16.19 -0.67
N GLU A 26 8.28 17.45 -0.88
CA GLU A 26 9.57 17.99 -0.42
C GLU A 26 9.50 18.63 0.97
N GLY A 27 8.40 18.41 1.69
CA GLY A 27 8.21 18.97 3.04
C GLY A 27 9.31 18.48 3.99
N GLY A 28 9.67 17.20 3.87
CA GLY A 28 10.69 16.59 4.73
C GLY A 28 10.09 15.49 5.58
N GLN A 29 9.37 15.89 6.64
CA GLN A 29 8.69 14.94 7.53
C GLN A 29 7.61 14.17 6.76
N GLN A 30 6.92 14.89 5.87
CA GLN A 30 5.84 14.32 5.08
C GLN A 30 6.33 13.13 4.26
N LYS A 31 7.57 13.23 3.76
CA LYS A 31 8.12 12.14 2.96
C LYS A 31 8.16 10.83 3.78
N GLN A 32 8.72 10.91 4.99
CA GLN A 32 8.80 9.74 5.88
C GLN A 32 7.39 9.29 6.28
N LEU A 33 6.51 10.27 6.53
CA LEU A 33 5.14 10.00 6.92
C LEU A 33 4.43 9.20 5.83
N CYS A 34 4.71 9.56 4.56
CA CYS A 34 4.14 8.86 3.42
C CYS A 34 4.65 7.44 3.31
N ARG A 35 5.93 7.23 3.63
CA ARG A 35 6.51 5.90 3.51
C ARG A 35 5.71 4.91 4.35
N PHE A 36 5.47 5.28 5.62
CA PHE A 36 4.65 4.43 6.48
C PHE A 36 3.19 4.53 6.10
N ARG A 37 2.68 5.76 6.00
CA ARG A 37 1.24 5.99 5.77
C ARG A 37 0.72 5.30 4.51
N CYS A 38 1.38 5.52 3.36
CA CYS A 38 0.93 4.87 2.11
C CYS A 38 1.11 3.35 2.24
N GLN A 39 2.24 2.92 2.83
CA GLN A 39 2.54 1.49 2.95
C GLN A 39 1.53 0.74 3.86
N GLU A 40 1.20 1.34 5.02
CA GLU A 40 0.28 0.70 5.97
C GLU A 40 -1.19 0.96 5.67
N ARG A 41 -1.52 2.20 5.28
CA ARG A 41 -2.90 2.55 4.98
C ARG A 41 -3.42 1.71 3.85
N TYR A 42 -2.64 1.65 2.78
CA TYR A 42 -3.05 0.88 1.60
C TYR A 42 -2.98 -0.64 1.86
N LYS A 43 -1.92 -1.10 2.56
CA LYS A 43 -1.79 -2.53 2.87
C LYS A 43 -2.98 -2.99 3.73
N LYS A 44 -3.30 -2.18 4.72
CA LYS A 44 -4.42 -2.45 5.64
C LYS A 44 -5.73 -2.48 4.88
N GLU A 45 -5.86 -1.53 3.95
CA GLU A 45 -7.06 -1.41 3.11
C GLU A 45 -7.36 -2.73 2.40
N ARG A 46 -6.30 -3.48 2.07
CA ARG A 46 -6.44 -4.76 1.35
C ARG A 46 -7.29 -5.73 2.15
N GLY A 47 -7.14 -5.67 3.47
CA GLY A 47 -7.80 -6.57 4.37
C GLY A 47 -7.10 -7.96 4.36
N GLN A 48 -5.85 -8.00 3.87
CA GLN A 48 -5.09 -9.25 3.82
C GLN A 48 -4.90 -9.80 5.22
N HIS A 49 -4.72 -11.12 5.31
CA HIS A 49 -4.48 -11.75 6.60
C HIS A 49 -3.63 -13.02 6.41
N ASN A 50 -2.73 -13.27 7.36
CA ASN A 50 -1.84 -14.44 7.30
C ASN A 50 -2.34 -15.58 8.19
N TYR A 51 -2.06 -16.81 7.77
CA TYR A 51 -2.45 -18.01 8.52
C TYR A 51 -1.23 -18.87 8.81
N LYS A 52 -1.27 -19.61 9.92
CA LYS A 52 -0.16 -20.49 10.32
C LYS A 52 -0.36 -21.93 9.81
N ARG A 53 -1.52 -22.19 9.18
CA ARG A 53 -1.82 -23.52 8.67
C ARG A 53 -1.12 -23.76 7.32
N GLU A 54 -0.29 -24.80 7.27
CA GLU A 54 0.44 -25.14 6.04
C GLU A 54 0.10 -26.57 5.62
N ASP A 55 0.35 -27.50 6.55
CA ASP A 55 0.07 -28.91 6.31
C ASP A 55 0.09 -29.69 7.61
N ASP A 56 -0.49 -30.90 7.59
CA ASP A 56 -0.55 -31.76 8.77
C ASP A 56 -1.23 -33.09 8.45
N GLY A 1 -9.72 -7.69 9.99
CA GLY A 1 -10.62 -7.36 8.84
C GLY A 1 -10.40 -8.35 7.72
N VAL A 2 -10.31 -9.63 8.08
CA VAL A 2 -10.14 -10.71 7.09
C VAL A 2 -11.50 -11.11 6.54
N ASP A 3 -12.16 -10.16 5.87
CA ASP A 3 -13.48 -10.38 5.33
C ASP A 3 -13.69 -9.60 4.03
N GLU A 4 -14.80 -9.88 3.34
CA GLU A 4 -15.13 -9.18 2.09
C GLU A 4 -13.92 -9.21 1.10
N PRO A 5 -13.51 -10.40 0.61
CA PRO A 5 -12.36 -10.51 -0.34
C PRO A 5 -12.69 -9.92 -1.70
N SER A 6 -11.66 -9.44 -2.38
CA SER A 6 -11.85 -8.79 -3.66
C SER A 6 -10.56 -8.76 -4.49
N THR A 7 -10.70 -8.41 -5.78
CA THR A 7 -9.56 -8.37 -6.70
C THR A 7 -9.61 -7.09 -7.55
N HIS A 8 -8.42 -6.52 -7.84
CA HIS A 8 -8.30 -5.29 -8.64
C HIS A 8 -8.98 -4.09 -7.95
N GLU A 9 -8.81 -4.01 -6.64
CA GLU A 9 -9.37 -2.92 -5.84
C GLU A 9 -8.60 -1.59 -6.05
N PRO A 10 -9.23 -0.43 -5.77
CA PRO A 10 -8.57 0.91 -5.90
C PRO A 10 -7.28 1.01 -5.05
N ALA A 11 -7.12 0.08 -4.10
CA ALA A 11 -5.97 0.08 -3.19
C ALA A 11 -4.66 0.00 -3.95
N GLU A 12 -4.64 -0.76 -5.06
CA GLU A 12 -3.41 -0.89 -5.88
C GLU A 12 -2.97 0.47 -6.37
N LYS A 13 -3.94 1.24 -6.86
CA LYS A 13 -3.70 2.59 -7.37
C LYS A 13 -3.38 3.55 -6.23
N HIS A 14 -4.08 3.37 -5.11
CA HIS A 14 -3.88 4.21 -3.93
C HIS A 14 -2.45 4.08 -3.44
N LEU A 15 -1.93 2.85 -3.48
CA LEU A 15 -0.54 2.60 -3.12
C LEU A 15 0.38 3.16 -4.18
N SER A 16 -0.04 3.00 -5.45
CA SER A 16 0.76 3.46 -6.57
C SER A 16 1.04 4.95 -6.45
N GLN A 17 0.01 5.71 -6.07
CA GLN A 17 0.18 7.14 -5.83
C GLN A 17 0.94 7.40 -4.51
N CYS A 18 0.86 6.45 -3.56
CA CYS A 18 1.56 6.62 -2.28
C CYS A 18 3.05 6.49 -2.48
N MET A 19 3.50 5.29 -2.79
CA MET A 19 4.91 5.01 -2.96
C MET A 19 5.56 5.94 -3.98
N ARG A 20 4.82 6.25 -5.07
CA ARG A 20 5.39 7.09 -6.12
C ARG A 20 5.79 8.47 -5.56
N GLN A 21 4.84 9.15 -4.90
CA GLN A 21 5.13 10.46 -4.28
C GLN A 21 5.99 10.32 -3.03
N CYS A 22 5.71 9.28 -2.24
CA CYS A 22 6.39 9.03 -0.98
C CYS A 22 7.88 8.82 -1.19
N GLU A 23 8.19 7.90 -2.07
CA GLU A 23 9.57 7.54 -2.38
C GLU A 23 10.28 8.68 -3.07
N ARG A 24 9.58 9.29 -4.03
CA ARG A 24 10.14 10.40 -4.80
C ARG A 24 10.46 11.60 -3.91
N GLN A 25 9.56 11.85 -2.94
CA GLN A 25 9.74 12.97 -2.02
C GLN A 25 10.51 12.54 -0.80
N GLU A 26 11.45 13.38 -0.39
CA GLU A 26 12.31 13.07 0.76
C GLU A 26 12.37 14.25 1.73
N GLY A 27 12.06 13.99 3.00
CA GLY A 27 12.10 15.00 4.04
C GLY A 27 10.86 15.89 4.00
N GLY A 28 10.78 16.82 4.96
CA GLY A 28 9.66 17.75 5.05
C GLY A 28 8.44 17.09 5.68
N GLN A 29 7.38 17.88 5.85
CA GLN A 29 6.13 17.38 6.43
C GLN A 29 5.50 16.32 5.52
N GLN A 30 5.59 16.55 4.20
CA GLN A 30 4.99 15.63 3.23
C GLN A 30 5.56 14.22 3.31
N LYS A 31 6.83 14.10 3.70
CA LYS A 31 7.46 12.80 3.82
C LYS A 31 6.76 11.98 4.92
N GLN A 32 6.46 12.65 6.04
CA GLN A 32 5.79 12.01 7.17
C GLN A 32 4.37 11.58 6.78
N LEU A 33 3.69 12.42 5.99
CA LEU A 33 2.32 12.14 5.57
C LEU A 33 2.27 10.84 4.78
N CYS A 34 3.28 10.63 3.91
CA CYS A 34 3.36 9.40 3.14
C CYS A 34 3.85 8.22 4.03
N ARG A 35 4.57 8.55 5.12
CA ARG A 35 5.11 7.53 6.01
C ARG A 35 3.99 6.68 6.62
N PHE A 36 2.96 7.33 7.18
CA PHE A 36 1.84 6.59 7.79
C PHE A 36 0.82 6.24 6.78
N ARG A 37 0.47 7.21 5.93
CA ARG A 37 -0.58 7.04 4.94
C ARG A 37 -0.26 5.88 3.99
N CYS A 38 1.00 5.77 3.61
CA CYS A 38 1.43 4.72 2.69
C CYS A 38 1.70 3.43 3.44
N GLN A 39 2.33 3.50 4.63
CA GLN A 39 2.57 2.29 5.43
C GLN A 39 1.23 1.57 5.73
N GLU A 40 0.19 2.36 6.06
CA GLU A 40 -1.14 1.81 6.34
C GLU A 40 -1.78 1.21 5.08
N ARG A 41 -1.66 1.92 3.94
CA ARG A 41 -2.20 1.41 2.65
C ARG A 41 -1.49 0.14 2.22
N TYR A 42 -0.21 0.06 2.53
CA TYR A 42 0.60 -1.10 2.17
C TYR A 42 0.03 -2.36 2.84
N LYS A 43 -0.33 -2.24 4.12
CA LYS A 43 -0.88 -3.37 4.88
C LYS A 43 -2.18 -3.86 4.25
N LYS A 44 -3.01 -2.90 3.87
CA LYS A 44 -4.29 -3.18 3.20
C LYS A 44 -4.04 -3.86 1.85
N GLU A 45 -3.03 -3.35 1.15
CA GLU A 45 -2.65 -3.85 -0.17
C GLU A 45 -2.29 -5.34 -0.12
N ARG A 46 -1.79 -5.81 1.03
CA ARG A 46 -1.38 -7.22 1.18
C ARG A 46 -2.54 -8.14 0.91
N GLY A 47 -3.72 -7.72 1.33
CA GLY A 47 -4.90 -8.52 1.22
C GLY A 47 -4.80 -9.75 2.13
N GLN A 48 -4.01 -9.62 3.24
CA GLN A 48 -3.83 -10.73 4.17
C GLN A 48 -5.17 -11.30 4.57
N HIS A 49 -5.23 -12.63 4.64
CA HIS A 49 -6.45 -13.29 5.05
C HIS A 49 -6.16 -14.68 5.62
N ASN A 50 -7.13 -15.24 6.35
CA ASN A 50 -6.97 -16.58 6.95
C ASN A 50 -7.74 -17.65 6.17
N TYR A 51 -7.00 -18.56 5.53
CA TYR A 51 -7.58 -19.68 4.76
C TYR A 51 -8.80 -19.24 3.95
N LYS A 52 -8.56 -18.90 2.68
CA LYS A 52 -9.64 -18.48 1.79
C LYS A 52 -9.36 -18.92 0.35
N ARG A 53 -8.16 -18.61 -0.13
CA ARG A 53 -7.74 -19.00 -1.49
C ARG A 53 -6.29 -19.49 -1.49
N GLU A 54 -6.00 -20.45 -2.37
CA GLU A 54 -4.67 -21.02 -2.51
C GLU A 54 -4.16 -20.90 -3.93
N ASP A 55 -2.86 -20.67 -4.07
CA ASP A 55 -2.22 -20.54 -5.38
C ASP A 55 -0.83 -21.20 -5.43
N ASP A 56 -0.40 -21.78 -4.28
CA ASP A 56 0.90 -22.45 -4.20
C ASP A 56 2.03 -21.55 -4.76
N GLY A 1 1.13 -24.97 -21.38
CA GLY A 1 1.26 -23.87 -20.38
C GLY A 1 2.02 -24.38 -19.17
N VAL A 2 3.11 -25.11 -19.43
CA VAL A 2 3.97 -25.61 -18.36
C VAL A 2 4.55 -24.43 -17.57
N ASP A 3 4.90 -23.37 -18.31
CA ASP A 3 5.49 -22.18 -17.72
C ASP A 3 4.68 -21.69 -16.52
N GLU A 4 5.28 -20.78 -15.75
CA GLU A 4 4.63 -20.22 -14.55
C GLU A 4 4.75 -18.66 -14.52
N PRO A 5 4.06 -17.94 -15.43
CA PRO A 5 4.11 -16.43 -15.48
C PRO A 5 3.41 -15.79 -14.29
N SER A 6 3.76 -14.53 -14.02
CA SER A 6 3.18 -13.80 -12.91
C SER A 6 3.12 -12.31 -13.20
N THR A 7 2.32 -11.60 -12.41
CA THR A 7 2.16 -10.15 -12.55
C THR A 7 2.30 -9.45 -11.20
N HIS A 8 2.53 -8.13 -11.24
CA HIS A 8 2.69 -7.33 -10.03
C HIS A 8 1.36 -7.22 -9.27
N GLU A 9 1.44 -7.21 -7.93
CA GLU A 9 0.25 -7.13 -7.08
C GLU A 9 -0.37 -5.70 -7.07
N PRO A 10 -1.69 -5.56 -6.76
CA PRO A 10 -2.37 -4.22 -6.72
C PRO A 10 -1.73 -3.27 -5.69
N ALA A 11 -1.23 -3.83 -4.60
CA ALA A 11 -0.65 -3.03 -3.51
C ALA A 11 0.55 -2.21 -4.00
N GLU A 12 1.36 -2.81 -4.87
CA GLU A 12 2.54 -2.14 -5.41
C GLU A 12 2.15 -0.87 -6.16
N LYS A 13 1.08 -0.97 -6.94
CA LYS A 13 0.64 0.13 -7.80
C LYS A 13 -0.16 1.15 -7.00
N HIS A 14 -1.00 0.67 -6.09
CA HIS A 14 -1.78 1.56 -5.22
C HIS A 14 -0.82 2.40 -4.39
N LEU A 15 0.25 1.76 -3.95
CA LEU A 15 1.30 2.42 -3.22
C LEU A 15 1.89 3.52 -4.05
N SER A 16 2.13 3.20 -5.32
CA SER A 16 2.74 4.18 -6.23
C SER A 16 1.82 5.40 -6.45
N GLN A 17 0.50 5.23 -6.25
CA GLN A 17 -0.44 6.36 -6.41
C GLN A 17 -0.22 7.38 -5.33
N CYS A 18 -0.16 6.89 -4.08
CA CYS A 18 0.07 7.77 -2.98
C CYS A 18 1.48 8.27 -3.05
N MET A 19 2.43 7.36 -2.83
CA MET A 19 3.84 7.68 -2.79
C MET A 19 4.29 8.59 -3.94
N ARG A 20 3.66 8.50 -5.14
CA ARG A 20 4.09 9.41 -6.22
C ARG A 20 3.73 10.86 -5.83
N GLN A 21 2.48 11.08 -5.41
CA GLN A 21 2.05 12.43 -4.94
C GLN A 21 2.72 12.80 -3.59
N CYS A 22 2.81 11.80 -2.73
CA CYS A 22 3.31 11.93 -1.37
C CYS A 22 4.81 12.24 -1.32
N GLU A 23 5.60 11.45 -2.04
CA GLU A 23 7.05 11.66 -2.11
C GLU A 23 7.37 13.00 -2.78
N ARG A 24 6.59 13.31 -3.81
CA ARG A 24 6.80 14.51 -4.60
C ARG A 24 6.70 15.77 -3.73
N GLN A 25 5.75 15.79 -2.78
CA GLN A 25 5.59 16.92 -1.90
C GLN A 25 6.36 16.69 -0.60
N GLU A 26 6.90 17.78 -0.04
CA GLU A 26 7.64 17.71 1.22
C GLU A 26 8.88 16.82 1.07
N GLY A 27 9.54 16.49 2.20
CA GLY A 27 10.72 15.64 2.19
C GLY A 27 11.08 15.20 3.61
N GLY A 28 12.14 14.39 3.72
CA GLY A 28 12.59 13.91 5.02
C GLY A 28 11.59 12.95 5.65
N GLN A 29 10.98 13.38 6.75
CA GLN A 29 10.02 12.56 7.50
C GLN A 29 8.83 12.17 6.65
N GLN A 30 8.35 13.10 5.84
CA GLN A 30 7.16 12.87 5.00
C GLN A 30 7.37 11.73 4.02
N LYS A 31 8.57 11.64 3.45
CA LYS A 31 8.86 10.61 2.46
C LYS A 31 8.66 9.21 3.08
N GLN A 32 9.28 9.00 4.23
CA GLN A 32 9.15 7.74 4.97
C GLN A 32 7.72 7.56 5.49
N LEU A 33 7.14 8.68 5.95
CA LEU A 33 5.83 8.68 6.55
C LEU A 33 4.78 8.19 5.55
N CYS A 34 4.85 8.66 4.31
CA CYS A 34 3.93 8.24 3.26
C CYS A 34 4.15 6.78 2.87
N ARG A 35 5.42 6.34 2.93
CA ARG A 35 5.74 4.96 2.58
C ARG A 35 4.92 3.99 3.43
N PHE A 36 4.92 4.24 4.75
CA PHE A 36 4.17 3.38 5.65
C PHE A 36 2.69 3.79 5.71
N ARG A 37 2.40 5.10 5.66
CA ARG A 37 1.00 5.55 5.72
C ARG A 37 0.22 4.99 4.56
N CYS A 38 0.74 5.15 3.32
CA CYS A 38 0.02 4.59 2.18
C CYS A 38 0.07 3.07 2.14
N GLN A 39 1.26 2.48 2.25
CA GLN A 39 1.39 1.03 2.14
C GLN A 39 0.59 0.29 3.24
N GLU A 40 0.76 0.73 4.48
CA GLU A 40 0.14 0.05 5.63
C GLU A 40 -1.33 0.36 5.76
N ARG A 41 -1.64 1.65 5.80
CA ARG A 41 -3.01 2.09 6.02
C ARG A 41 -3.92 1.66 4.91
N TYR A 42 -3.44 1.78 3.66
CA TYR A 42 -4.30 1.38 2.53
C TYR A 42 -4.56 -0.12 2.52
N LYS A 43 -3.50 -0.93 2.77
CA LYS A 43 -3.69 -2.40 2.86
C LYS A 43 -4.59 -2.76 4.03
N LYS A 44 -4.41 -2.04 5.14
CA LYS A 44 -5.18 -2.26 6.38
C LYS A 44 -6.67 -2.00 6.17
N GLU A 45 -6.97 -0.86 5.56
CA GLU A 45 -8.37 -0.45 5.30
C GLU A 45 -9.06 -1.47 4.39
N ARG A 46 -8.33 -1.89 3.37
CA ARG A 46 -8.82 -2.89 2.41
C ARG A 46 -9.08 -4.21 3.10
N GLY A 47 -8.24 -4.51 4.08
CA GLY A 47 -8.26 -5.78 4.75
C GLY A 47 -7.64 -6.86 3.85
N GLN A 48 -6.87 -6.43 2.82
CA GLN A 48 -6.22 -7.34 1.91
C GLN A 48 -5.28 -8.22 2.67
N HIS A 49 -5.32 -9.52 2.37
CA HIS A 49 -4.40 -10.45 3.02
C HIS A 49 -4.16 -11.71 2.17
N ASN A 50 -4.28 -11.57 0.85
CA ASN A 50 -4.07 -12.69 -0.07
C ASN A 50 -3.72 -12.20 -1.47
N TYR A 51 -3.45 -13.15 -2.39
CA TYR A 51 -3.11 -12.81 -3.77
C TYR A 51 -4.20 -13.28 -4.72
N LYS A 52 -5.06 -12.34 -5.13
CA LYS A 52 -6.16 -12.64 -6.07
C LYS A 52 -6.10 -11.73 -7.31
N ARG A 53 -5.52 -10.53 -7.13
CA ARG A 53 -5.40 -9.56 -8.22
C ARG A 53 -6.81 -9.12 -8.71
N GLU A 54 -7.38 -9.87 -9.67
CA GLU A 54 -8.70 -9.56 -10.22
C GLU A 54 -9.51 -10.82 -10.47
N ASP A 55 -10.84 -10.66 -10.46
CA ASP A 55 -11.74 -11.77 -10.74
C ASP A 55 -12.05 -11.83 -12.21
N ASP A 56 -12.79 -12.87 -12.64
CA ASP A 56 -13.15 -13.04 -14.04
C ASP A 56 -14.06 -14.24 -14.24
N GLY A 1 -22.17 -6.55 1.68
CA GLY A 1 -22.00 -7.95 1.20
C GLY A 1 -20.99 -7.98 0.06
N VAL A 2 -19.90 -7.21 0.21
CA VAL A 2 -18.85 -7.16 -0.81
C VAL A 2 -17.83 -8.27 -0.54
N ASP A 3 -18.31 -9.51 -0.57
CA ASP A 3 -17.47 -10.65 -0.30
C ASP A 3 -16.83 -11.18 -1.58
N GLU A 4 -15.93 -12.17 -1.44
CA GLU A 4 -15.21 -12.79 -2.58
C GLU A 4 -13.95 -11.95 -2.98
N PRO A 5 -12.80 -12.59 -3.33
CA PRO A 5 -11.55 -11.85 -3.73
C PRO A 5 -11.68 -11.20 -5.09
N SER A 6 -10.82 -10.21 -5.33
CA SER A 6 -10.82 -9.49 -6.59
C SER A 6 -9.43 -9.00 -6.95
N THR A 7 -9.25 -8.68 -8.24
CA THR A 7 -7.96 -8.19 -8.72
C THR A 7 -8.15 -6.97 -9.63
N HIS A 8 -7.05 -6.22 -9.81
CA HIS A 8 -7.06 -5.02 -10.66
C HIS A 8 -8.06 -3.98 -10.13
N GLU A 9 -8.19 -3.90 -8.80
CA GLU A 9 -9.07 -2.93 -8.15
C GLU A 9 -8.46 -1.51 -8.25
N PRO A 10 -9.26 -0.44 -8.24
CA PRO A 10 -8.73 0.98 -8.34
C PRO A 10 -7.76 1.32 -7.18
N ALA A 11 -7.93 0.64 -6.04
CA ALA A 11 -7.16 0.94 -4.82
C ALA A 11 -5.63 0.78 -5.00
N GLU A 12 -5.19 -0.28 -5.69
CA GLU A 12 -3.74 -0.53 -5.85
C GLU A 12 -3.04 0.60 -6.62
N LYS A 13 -3.72 1.16 -7.62
CA LYS A 13 -3.17 2.25 -8.43
C LYS A 13 -3.07 3.55 -7.63
N HIS A 14 -4.09 3.84 -6.81
CA HIS A 14 -4.07 5.04 -5.98
C HIS A 14 -2.91 4.97 -5.01
N LEU A 15 -2.67 3.77 -4.47
CA LEU A 15 -1.55 3.56 -3.58
C LEU A 15 -0.23 3.50 -4.35
N SER A 16 -0.31 3.08 -5.64
CA SER A 16 0.88 2.97 -6.47
C SER A 16 1.57 4.32 -6.57
N GLN A 17 0.77 5.36 -6.80
CA GLN A 17 1.30 6.72 -6.84
C GLN A 17 1.72 7.18 -5.44
N CYS A 18 1.06 6.64 -4.38
CA CYS A 18 1.44 6.99 -2.98
C CYS A 18 2.95 6.86 -2.81
N MET A 19 3.43 5.63 -2.94
CA MET A 19 4.82 5.30 -2.74
C MET A 19 5.69 6.03 -3.75
N ARG A 20 5.17 6.22 -4.98
CA ARG A 20 5.94 6.90 -6.03
C ARG A 20 6.34 8.31 -5.57
N GLN A 21 5.37 9.10 -5.09
CA GLN A 21 5.67 10.46 -4.64
C GLN A 21 6.23 10.44 -3.20
N CYS A 22 5.76 9.50 -2.38
CA CYS A 22 6.18 9.37 -1.00
C CYS A 22 7.67 9.10 -0.93
N GLU A 23 8.07 8.07 -1.65
CA GLU A 23 9.46 7.62 -1.67
C GLU A 23 10.36 8.64 -2.33
N ARG A 24 9.89 9.18 -3.45
CA ARG A 24 10.67 10.18 -4.20
C ARG A 24 10.87 11.46 -3.40
N GLN A 25 9.82 11.85 -2.66
CA GLN A 25 9.87 13.06 -1.83
C GLN A 25 10.37 12.72 -0.45
N GLU A 26 11.27 13.55 0.07
CA GLU A 26 11.85 13.32 1.41
C GLU A 26 11.89 14.60 2.24
N GLY A 27 11.61 14.46 3.54
CA GLY A 27 11.64 15.59 4.47
C GLY A 27 10.30 16.31 4.51
N GLY A 28 10.11 17.13 5.55
CA GLY A 28 8.89 17.91 5.71
C GLY A 28 7.76 17.06 6.28
N GLN A 29 6.61 17.72 6.48
CA GLN A 29 5.41 17.05 7.00
C GLN A 29 4.90 15.99 6.03
N GLN A 30 4.99 16.29 4.74
CA GLN A 30 4.48 15.40 3.69
C GLN A 30 5.16 14.05 3.73
N LYS A 31 6.46 14.03 3.99
CA LYS A 31 7.20 12.78 4.01
C LYS A 31 6.63 11.82 5.07
N GLN A 32 6.37 12.36 6.28
CA GLN A 32 5.83 11.54 7.36
C GLN A 32 4.41 11.07 7.04
N LEU A 33 3.61 11.98 6.46
CA LEU A 33 2.22 11.67 6.12
C LEU A 33 2.16 10.58 5.07
N CYS A 34 3.05 10.66 4.07
CA CYS A 34 3.08 9.67 3.00
C CYS A 34 3.64 8.33 3.50
N ARG A 35 4.58 8.39 4.46
CA ARG A 35 5.22 7.20 4.98
C ARG A 35 4.20 6.27 5.63
N PHE A 36 3.35 6.82 6.52
CA PHE A 36 2.36 6.00 7.22
C PHE A 36 1.10 5.81 6.40
N ARG A 37 0.59 6.88 5.78
CA ARG A 37 -0.66 6.77 5.02
C ARG A 37 -0.52 5.69 3.94
N CYS A 38 0.57 5.75 3.20
CA CYS A 38 0.82 4.81 2.12
C CYS A 38 1.22 3.44 2.62
N GLN A 39 2.29 3.38 3.44
CA GLN A 39 2.83 2.09 3.93
C GLN A 39 1.83 1.35 4.83
N GLU A 40 1.13 2.08 5.72
CA GLU A 40 0.20 1.43 6.67
C GLU A 40 -0.99 0.91 5.93
N ARG A 41 -1.50 1.73 5.01
CA ARG A 41 -2.61 1.30 4.14
C ARG A 41 -2.15 0.14 3.29
N TYR A 42 -0.90 0.21 2.86
CA TYR A 42 -0.29 -0.86 2.08
C TYR A 42 -0.29 -2.17 2.86
N LYS A 43 -0.02 -2.10 4.17
CA LYS A 43 -0.01 -3.28 5.03
C LYS A 43 -1.39 -3.96 5.00
N LYS A 44 -2.41 -3.13 5.15
CA LYS A 44 -3.81 -3.58 5.15
C LYS A 44 -4.23 -4.10 3.78
N GLU A 45 -3.73 -3.46 2.72
CA GLU A 45 -4.07 -3.83 1.35
C GLU A 45 -3.70 -5.29 1.08
N ARG A 46 -2.58 -5.72 1.67
CA ARG A 46 -2.10 -7.10 1.49
C ARG A 46 -3.12 -8.09 1.99
N GLY A 47 -3.82 -7.71 3.05
CA GLY A 47 -4.79 -8.56 3.70
C GLY A 47 -4.10 -9.63 4.54
N GLN A 48 -2.81 -9.40 4.89
CA GLN A 48 -2.06 -10.35 5.70
C GLN A 48 -2.73 -10.56 7.04
N HIS A 49 -2.57 -11.76 7.60
CA HIS A 49 -3.14 -12.08 8.91
C HIS A 49 -2.13 -12.80 9.79
N ASN A 50 -2.22 -12.59 11.11
CA ASN A 50 -1.30 -13.22 12.06
C ASN A 50 -1.41 -14.74 11.99
N TYR A 51 -2.64 -15.25 11.93
CA TYR A 51 -2.88 -16.70 11.85
C TYR A 51 -4.00 -17.02 10.85
N LYS A 52 -5.27 -16.97 11.30
CA LYS A 52 -6.41 -17.22 10.44
C LYS A 52 -7.59 -16.39 10.90
N ARG A 53 -8.20 -15.68 9.95
CA ARG A 53 -9.36 -14.84 10.27
C ARG A 53 -10.46 -15.02 9.22
N GLU A 54 -11.71 -14.83 9.66
CA GLU A 54 -12.86 -14.96 8.78
C GLU A 54 -12.96 -13.79 7.82
N ASP A 55 -13.62 -14.03 6.68
CA ASP A 55 -13.79 -12.99 5.65
C ASP A 55 -15.05 -12.13 5.88
N ASP A 56 -15.65 -12.26 7.07
CA ASP A 56 -16.86 -11.52 7.40
C ASP A 56 -17.00 -11.39 8.93
N GLY A 1 -24.46 -10.61 -12.12
CA GLY A 1 -23.23 -9.84 -12.47
C GLY A 1 -23.52 -8.34 -12.39
N VAL A 2 -24.25 -7.94 -11.35
CA VAL A 2 -24.56 -6.53 -11.10
C VAL A 2 -23.25 -5.76 -10.88
N ASP A 3 -22.36 -6.39 -10.12
CA ASP A 3 -21.06 -5.82 -9.82
C ASP A 3 -20.25 -5.59 -11.10
N GLU A 4 -19.32 -4.63 -11.05
CA GLU A 4 -18.48 -4.31 -12.21
C GLU A 4 -16.97 -4.55 -11.88
N PRO A 5 -16.56 -5.83 -11.70
CA PRO A 5 -15.14 -6.20 -11.38
C PRO A 5 -14.20 -5.98 -12.55
N SER A 6 -12.91 -5.96 -12.25
CA SER A 6 -11.88 -5.75 -13.26
C SER A 6 -10.68 -6.64 -13.04
N THR A 7 -9.75 -6.61 -14.00
CA THR A 7 -8.55 -7.43 -13.94
C THR A 7 -7.66 -7.04 -12.75
N HIS A 8 -7.64 -5.74 -12.44
CA HIS A 8 -6.84 -5.23 -11.32
C HIS A 8 -7.63 -4.22 -10.51
N GLU A 9 -7.39 -4.20 -9.18
CA GLU A 9 -8.09 -3.26 -8.29
C GLU A 9 -7.50 -1.83 -8.41
N PRO A 10 -8.32 -0.78 -8.65
CA PRO A 10 -7.81 0.63 -8.77
C PRO A 10 -7.01 1.06 -7.55
N ALA A 11 -7.43 0.57 -6.37
CA ALA A 11 -6.78 0.91 -5.10
C ALA A 11 -5.31 0.49 -5.09
N GLU A 12 -5.02 -0.69 -5.65
CA GLU A 12 -3.65 -1.21 -5.69
C GLU A 12 -2.74 -0.27 -6.46
N LYS A 13 -3.23 0.18 -7.61
CA LYS A 13 -2.51 1.11 -8.48
C LYS A 13 -2.42 2.50 -7.86
N HIS A 14 -3.51 2.91 -7.20
CA HIS A 14 -3.57 4.21 -6.55
C HIS A 14 -2.47 4.27 -5.48
N LEU A 15 -2.35 3.18 -4.73
CA LEU A 15 -1.32 3.09 -3.69
C LEU A 15 0.08 2.84 -4.29
N SER A 16 0.11 2.27 -5.51
CA SER A 16 1.39 2.11 -6.24
C SER A 16 2.01 3.49 -6.41
N GLN A 17 1.14 4.46 -6.73
CA GLN A 17 1.54 5.86 -6.83
C GLN A 17 1.99 6.34 -5.46
N CYS A 18 1.30 5.87 -4.39
CA CYS A 18 1.64 6.32 -3.02
C CYS A 18 3.15 6.27 -2.79
N MET A 19 3.69 5.10 -2.70
CA MET A 19 5.10 4.95 -2.41
C MET A 19 5.95 5.71 -3.42
N ARG A 20 5.57 5.67 -4.70
CA ARG A 20 6.35 6.38 -5.72
C ARG A 20 6.38 7.91 -5.52
N GLN A 21 5.20 8.56 -5.58
CA GLN A 21 5.13 10.04 -5.49
C GLN A 21 5.01 10.55 -4.06
N CYS A 22 4.24 9.84 -3.24
CA CYS A 22 4.01 10.22 -1.88
C CYS A 22 5.34 10.20 -1.12
N GLU A 23 6.21 9.18 -1.39
CA GLU A 23 7.56 9.18 -0.79
C GLU A 23 8.42 10.27 -1.43
N ARG A 24 8.22 10.48 -2.75
CA ARG A 24 9.02 11.45 -3.51
C ARG A 24 8.95 12.84 -2.88
N GLN A 25 7.83 13.15 -2.21
CA GLN A 25 7.66 14.45 -1.54
C GLN A 25 8.80 14.67 -0.56
N GLU A 26 9.31 15.91 -0.51
CA GLU A 26 10.47 16.21 0.34
C GLU A 26 10.20 17.41 1.23
N GLY A 27 10.91 17.46 2.36
CA GLY A 27 10.76 18.55 3.34
C GLY A 27 10.83 18.03 4.79
N GLY A 28 10.65 16.71 4.97
CA GLY A 28 10.74 16.09 6.29
C GLY A 28 9.37 15.62 6.79
N GLN A 29 8.54 16.58 7.20
CA GLN A 29 7.21 16.27 7.78
C GLN A 29 6.28 15.59 6.77
N GLN A 30 6.28 16.08 5.52
CA GLN A 30 5.41 15.51 4.48
C GLN A 30 5.93 14.17 3.97
N LYS A 31 7.25 14.01 3.92
CA LYS A 31 7.83 12.75 3.47
C LYS A 31 7.44 11.63 4.46
N GLN A 32 7.53 11.97 5.75
CA GLN A 32 7.18 11.03 6.82
C GLN A 32 5.69 10.69 6.77
N LEU A 33 4.87 11.68 6.42
CA LEU A 33 3.43 11.52 6.37
C LEU A 33 3.06 10.41 5.38
N CYS A 34 3.70 10.43 4.20
CA CYS A 34 3.48 9.40 3.19
C CYS A 34 4.01 8.06 3.65
N ARG A 35 5.12 8.08 4.40
CA ARG A 35 5.74 6.84 4.86
C ARG A 35 4.72 6.01 5.63
N PHE A 36 3.98 6.65 6.55
CA PHE A 36 2.96 5.94 7.32
C PHE A 36 1.65 5.80 6.55
N ARG A 37 1.19 6.89 5.90
CA ARG A 37 -0.09 6.81 5.18
C ARG A 37 -0.04 5.75 4.10
N CYS A 38 1.03 5.73 3.31
CA CYS A 38 1.18 4.74 2.24
C CYS A 38 1.51 3.36 2.78
N GLN A 39 2.53 3.25 3.64
CA GLN A 39 2.97 1.94 4.17
C GLN A 39 1.89 1.26 5.04
N GLU A 40 1.22 2.04 5.90
CA GLU A 40 0.21 1.48 6.82
C GLU A 40 -0.98 1.00 6.04
N ARG A 41 -1.43 1.83 5.10
CA ARG A 41 -2.53 1.44 4.22
C ARG A 41 -2.09 0.35 3.27
N TYR A 42 -0.80 0.35 2.91
CA TYR A 42 -0.25 -0.67 2.03
C TYR A 42 -0.49 -2.06 2.64
N LYS A 43 -0.16 -2.21 3.93
CA LYS A 43 -0.38 -3.47 4.63
C LYS A 43 -1.85 -3.85 4.62
N LYS A 44 -2.69 -2.84 4.79
CA LYS A 44 -4.15 -3.00 4.79
C LYS A 44 -4.64 -3.51 3.44
N GLU A 45 -4.04 -2.99 2.37
CA GLU A 45 -4.41 -3.37 0.99
C GLU A 45 -4.25 -4.87 0.79
N ARG A 46 -3.20 -5.44 1.39
CA ARG A 46 -2.96 -6.90 1.30
C ARG A 46 -4.14 -7.65 1.86
N GLY A 47 -4.73 -7.07 2.89
CA GLY A 47 -5.80 -7.70 3.60
C GLY A 47 -5.27 -8.72 4.62
N GLN A 48 -3.95 -8.61 4.96
CA GLN A 48 -3.35 -9.51 5.94
C GLN A 48 -4.14 -9.46 7.22
N HIS A 49 -4.18 -10.58 7.95
CA HIS A 49 -4.92 -10.64 9.21
C HIS A 49 -4.04 -11.17 10.34
N ASN A 50 -3.77 -10.31 11.33
CA ASN A 50 -2.94 -10.69 12.48
C ASN A 50 -3.71 -10.47 13.80
N TYR A 51 -5.04 -10.62 13.76
CA TYR A 51 -5.88 -10.45 14.95
C TYR A 51 -6.75 -11.67 15.19
N LYS A 52 -6.99 -11.98 16.46
CA LYS A 52 -7.80 -13.15 16.85
C LYS A 52 -9.10 -12.72 17.53
N ARG A 53 -9.07 -11.55 18.18
CA ARG A 53 -10.23 -11.03 18.89
C ARG A 53 -11.31 -10.52 17.94
N GLU A 54 -12.57 -10.70 18.34
CA GLU A 54 -13.72 -10.26 17.53
C GLU A 54 -13.74 -11.02 16.15
N ASP A 55 -13.90 -10.29 15.03
CA ASP A 55 -13.93 -10.91 13.69
C ASP A 55 -13.98 -9.87 12.57
N ASP A 56 -14.53 -8.67 12.88
CA ASP A 56 -14.68 -7.61 11.90
C ASP A 56 -15.22 -6.33 12.57
#